data_3S9Z
#
_entry.id   3S9Z
#
_cell.length_a   79.452
_cell.length_b   79.452
_cell.length_c   226.263
_cell.angle_alpha   90.00
_cell.angle_beta   90.00
_cell.angle_gamma   90.00
#
_symmetry.space_group_name_H-M   'P 43 21 2'
#
loop_
_entity.id
_entity.type
_entity.pdbx_description
1 polymer 'Malate synthase G'
2 non-polymer 'MAGNESIUM ION'
3 non-polymer '4-(2-bromophenyl)-2,4-dioxobutanoic acid'
4 water water
#
_entity_poly.entity_id   1
_entity_poly.type   'polypeptide(L)'
_entity_poly.pdbx_seq_one_letter_code
;MTDRVSVGNLRIARVLYDFVNNEALPGTDIDPDSFWAGVDKVVADLTPQNQALLNARDELQAQIDKWHRRRVIEPIDMDA
YRQFLTEIGYLLPEPDDFTITTSGVDAEITTTAGPQLVVPVLNARFALNAANARWGSLYDALYGTDVIPETDGAEKGPTY
NKVRGDKVIAYARKFLDDSVPLSSGSFGDATGFTVQDGQLVVALPDKSTGLANPGQFAGYTGAAESPTSVLLINHGLHIE
ILIDPESQVGTTDRAGVKDVILESAITTIMDFEDSVAAVDAADKVLGYRNWLGLNKGDLAAAVDKDGTAFLRVLNRDRNY
TAPGGGQFTLPGRSLMFVRNVGHLMTNDAIVDTDGSEVFEGIMDALFTGLIAIHGLKASDVNGPLINSRTGSIYIVKPKM
HGPAEVAFTCELFSRVEDVLGLPQNTMKIGIMDEERRTTVNLKACIKAAADRVVFINTGFLDRTGDEIHTSMEAGPMVRK
GTMKSQPWILAYEDHNVDAGLAAGFSGRAQVGKGMWTMTELMADMVETKIAQPRAGASTAWVPSPTAATLHALHYHQVDV
AAVQQGLAGKRRATIEQLLTIPLAKELAWAPDEIREEVDNNCQSILGYVVRWVDQGVGASKVPDIHDVALMEDRATLRIS
SQLLANWLRHGVITSADVRASLERMAPLVDRQNAGDVAYRPMAPNFDDSIAFLAAQELILSGAQQPNGYTEPILHRRRRE
FKARAAEKPAPSDRAGDDAAR
;
_entity_poly.pdbx_strand_id   A
#
# COMPACT_ATOMS: atom_id res chain seq x y z
N THR A 2 -4.49 -24.22 29.71
CA THR A 2 -4.45 -23.97 28.26
C THR A 2 -3.02 -24.05 27.74
N ASP A 3 -2.71 -23.23 26.75
N ASP A 3 -2.71 -23.22 26.76
CA ASP A 3 -1.35 -23.13 26.21
CA ASP A 3 -0.70 -23.45 25.52
CA ASP A 3 -1.37 -23.13 26.20
C ASP A 3 -0.88 -21.69 26.24
C ASP A 3 -0.88 -21.69 26.24
N ARG A 4 -0.94 -21.09 27.43
CA ARG A 4 -0.58 -19.70 27.60
C ARG A 4 0.47 -19.49 28.67
N VAL A 5 1.15 -18.36 28.59
CA VAL A 5 2.18 -18.00 29.55
C VAL A 5 1.69 -16.79 30.34
N SER A 6 1.80 -16.84 31.67
CA SER A 6 1.35 -15.73 32.50
C SER A 6 2.46 -14.72 32.76
N VAL A 7 2.20 -13.49 32.35
CA VAL A 7 3.04 -12.36 32.68
C VAL A 7 2.14 -11.24 33.19
N GLY A 8 2.27 -10.91 34.46
CA GLY A 8 1.42 -9.89 35.04
C GLY A 8 -0.03 -10.25 34.81
N ASN A 9 -0.77 -9.33 34.22
CA ASN A 9 -2.19 -9.55 33.94
C ASN A 9 -2.45 -10.18 32.57
N LEU A 10 -1.39 -10.57 31.88
CA LEU A 10 -1.53 -11.09 30.52
C LEU A 10 -1.32 -12.60 30.44
N ARG A 11 -1.97 -13.23 29.47
CA ARG A 11 -1.80 -14.66 29.23
C ARG A 11 -1.44 -14.80 27.76
N ILE A 12 -0.15 -15.04 27.51
CA ILE A 12 0.41 -14.99 26.16
C ILE A 12 0.41 -16.36 25.50
N ALA A 13 -0.11 -16.42 24.28
CA ALA A 13 -0.07 -17.67 23.52
C ALA A 13 1.36 -18.18 23.47
N ARG A 14 1.54 -19.48 23.75
CA ARG A 14 2.90 -20.01 23.88
C ARG A 14 3.73 -19.82 22.61
N VAL A 15 3.09 -20.02 21.45
CA VAL A 15 3.82 -19.88 20.19
C VAL A 15 4.41 -18.47 20.04
N LEU A 16 3.68 -17.46 20.50
CA LEU A 16 4.15 -16.08 20.42
C LEU A 16 5.22 -15.81 21.47
N TYR A 17 5.03 -16.32 22.68
CA TYR A 17 6.02 -16.16 23.76
C TYR A 17 7.37 -16.74 23.33
N ASP A 18 7.36 -17.95 22.78
CA ASP A 18 8.59 -18.61 22.35
C ASP A 18 9.25 -17.88 21.18
N PHE A 19 8.43 -17.43 20.23
CA PHE A 19 8.97 -16.70 19.09
C PHE A 19 9.71 -15.46 19.54
N VAL A 20 9.07 -14.69 20.42
CA VAL A 20 9.70 -13.47 20.90
C VAL A 20 11.02 -13.79 21.63
N ASN A 21 10.97 -14.74 22.57
CA ASN A 21 12.16 -15.04 23.36
C ASN A 21 13.29 -15.66 22.55
N ASN A 22 12.94 -16.56 21.64
CA ASN A 22 13.95 -17.35 20.95
C ASN A 22 14.46 -16.71 19.68
N GLU A 23 13.62 -15.90 19.04
CA GLU A 23 13.90 -15.43 17.70
C GLU A 23 14.01 -13.91 17.63
N ALA A 24 13.07 -13.21 18.27
CA ALA A 24 13.04 -11.75 18.13
C ALA A 24 13.96 -11.01 19.08
N LEU A 25 14.04 -11.46 20.33
CA LEU A 25 14.80 -10.71 21.33
C LEU A 25 16.33 -10.84 21.19
N PRO A 26 16.83 -12.06 20.92
CA PRO A 26 18.29 -12.26 20.82
C PRO A 26 18.95 -11.33 19.80
N GLY A 27 19.96 -10.60 20.24
CA GLY A 27 20.64 -9.66 19.37
C GLY A 27 20.25 -8.21 19.59
N THR A 28 19.20 -7.97 20.37
CA THR A 28 18.74 -6.61 20.61
C THR A 28 19.27 -6.05 21.91
N ASP A 29 19.83 -6.90 22.76
CA ASP A 29 20.32 -6.48 24.07
C ASP A 29 19.20 -6.01 25.00
N ILE A 30 17.96 -6.35 24.67
CA ILE A 30 16.84 -6.06 25.57
C ILE A 30 16.62 -7.26 26.48
N ASP A 31 16.49 -7.00 27.77
CA ASP A 31 16.26 -8.05 28.74
C ASP A 31 14.86 -8.61 28.58
N PRO A 32 14.76 -9.92 28.33
CA PRO A 32 13.47 -10.57 28.13
C PRO A 32 12.47 -10.30 29.24
N ASP A 33 12.87 -10.37 30.50
CA ASP A 33 11.90 -10.12 31.55
C ASP A 33 11.42 -8.67 31.55
N SER A 34 12.34 -7.75 31.24
CA SER A 34 12.01 -6.33 31.16
C SER A 34 11.05 -6.06 29.99
N PHE A 35 11.30 -6.73 28.86
CA PHE A 35 10.45 -6.58 27.71
C PHE A 35 9.01 -6.94 28.07
N TRP A 36 8.83 -8.12 28.62
CA TRP A 36 7.48 -8.62 28.89
C TRP A 36 6.76 -7.79 29.95
N ALA A 37 7.51 -7.32 30.95
CA ALA A 37 6.97 -6.37 31.91
C ALA A 37 6.49 -5.11 31.21
N GLY A 38 7.25 -4.66 30.21
CA GLY A 38 6.85 -3.53 29.38
C GLY A 38 5.57 -3.76 28.60
N VAL A 39 5.45 -4.93 27.96
CA VAL A 39 4.21 -5.31 27.31
C VAL A 39 3.02 -5.20 28.27
N ASP A 40 3.12 -5.84 29.42
CA ASP A 40 2.07 -5.81 30.44
C ASP A 40 1.67 -4.38 30.79
N LYS A 41 2.66 -3.52 31.02
CA LYS A 41 2.42 -2.15 31.46
C LYS A 41 1.78 -1.28 30.37
N VAL A 42 2.30 -1.39 29.15
CA VAL A 42 1.77 -0.60 28.03
C VAL A 42 0.34 -1.01 27.73
N VAL A 43 0.10 -2.31 27.68
CA VAL A 43 -1.23 -2.82 27.45
C VAL A 43 -2.20 -2.30 28.51
N ALA A 44 -1.81 -2.42 29.78
CA ALA A 44 -2.67 -1.93 30.86
C ALA A 44 -2.90 -0.42 30.80
N ASP A 45 -1.86 0.34 30.49
CA ASP A 45 -1.94 1.79 30.51
C ASP A 45 -2.77 2.37 29.35
N LEU A 46 -2.64 1.78 28.17
CA LEU A 46 -3.18 2.42 26.95
C LEU A 46 -4.51 1.83 26.48
N THR A 47 -4.87 0.66 26.99
CA THR A 47 -6.11 0.01 26.54
C THR A 47 -7.34 0.88 26.79
N PRO A 48 -7.43 1.56 27.95
CA PRO A 48 -8.60 2.41 28.18
C PRO A 48 -8.82 3.49 27.12
N GLN A 49 -7.77 4.22 26.74
CA GLN A 49 -7.90 5.26 25.74
CA GLN A 49 -7.91 5.26 25.73
C GLN A 49 -8.21 4.67 24.37
N ASN A 50 -7.59 3.52 24.06
CA ASN A 50 -7.87 2.83 22.80
C ASN A 50 -9.36 2.55 22.71
N GLN A 51 -9.95 2.04 23.81
CA GLN A 51 -11.38 1.72 23.81
C GLN A 51 -12.23 2.97 23.72
N ALA A 52 -11.81 4.04 24.40
CA ALA A 52 -12.56 5.29 24.39
C ALA A 52 -12.63 5.87 22.98
N LEU A 53 -11.53 5.79 22.25
CA LEU A 53 -11.52 6.29 20.89
C LEU A 53 -12.47 5.49 20.00
N LEU A 54 -12.49 4.17 20.16
CA LEU A 54 -13.40 3.34 19.37
C LEU A 54 -14.86 3.65 19.73
N ASN A 55 -15.11 3.91 21.00
CA ASN A 55 -16.46 4.27 21.43
C ASN A 55 -16.89 5.61 20.82
N ALA A 56 -15.97 6.56 20.79
CA ALA A 56 -16.28 7.88 20.24
C ALA A 56 -16.66 7.79 18.77
N ARG A 57 -16.06 6.86 18.03
CA ARG A 57 -16.42 6.66 16.62
C ARG A 57 -17.89 6.27 16.51
N ASP A 58 -18.27 5.28 17.33
CA ASP A 58 -19.63 4.76 17.33
C ASP A 58 -20.62 5.87 17.65
N GLU A 59 -20.29 6.67 18.67
CA GLU A 59 -21.16 7.75 19.11
C GLU A 59 -21.35 8.80 18.02
N LEU A 60 -20.27 9.15 17.33
CA LEU A 60 -20.35 10.14 16.26
C LEU A 60 -21.19 9.58 15.12
N GLN A 61 -21.00 8.31 14.79
CA GLN A 61 -21.75 7.75 13.68
C GLN A 61 -23.24 7.68 13.99
N ALA A 62 -23.57 7.36 15.23
CA ALA A 62 -24.98 7.27 15.63
C ALA A 62 -25.66 8.62 15.50
N GLN A 63 -24.96 9.69 15.87
CA GLN A 63 -25.53 11.04 15.74
C GLN A 63 -25.72 11.44 14.28
N ILE A 64 -24.75 11.12 13.44
CA ILE A 64 -24.87 11.43 12.01
C ILE A 64 -26.00 10.61 11.37
N ASP A 65 -26.08 9.32 11.71
CA ASP A 65 -27.17 8.45 11.25
C ASP A 65 -28.52 9.11 11.54
N LYS A 66 -28.72 9.51 12.80
CA LYS A 66 -29.96 10.12 13.24
CA LYS A 66 -29.97 10.11 13.22
CA LYS A 66 -29.97 10.10 13.22
C LYS A 66 -30.23 11.42 12.51
N TRP A 67 -29.19 12.24 12.37
CA TRP A 67 -29.30 13.52 11.67
C TRP A 67 -29.88 13.33 10.28
N HIS A 68 -29.40 12.31 9.58
CA HIS A 68 -29.91 12.06 8.22
C HIS A 68 -31.35 11.54 8.21
N ARG A 69 -31.72 10.72 9.19
CA ARG A 69 -33.08 10.20 9.26
C ARG A 69 -34.09 11.30 9.59
N ARG A 70 -33.63 12.36 10.25
CA ARG A 70 -34.49 13.47 10.63
CA ARG A 70 -34.50 13.46 10.62
C ARG A 70 -34.49 14.59 9.58
N ARG A 71 -33.89 14.34 8.42
CA ARG A 71 -33.87 15.34 7.35
C ARG A 71 -35.17 15.31 6.56
N VAL A 72 -35.79 16.48 6.41
CA VAL A 72 -36.94 16.62 5.53
C VAL A 72 -36.51 17.36 4.26
N ILE A 73 -35.83 18.50 4.45
CA ILE A 73 -35.31 19.30 3.35
C ILE A 73 -34.54 18.43 2.36
N GLU A 74 -34.97 18.43 1.10
CA GLU A 74 -34.40 17.52 0.12
C GLU A 74 -32.93 17.82 -0.21
N PRO A 75 -32.66 18.86 -1.04
CA PRO A 75 -31.25 19.13 -1.25
C PRO A 75 -30.62 19.37 0.11
N ILE A 76 -29.73 18.47 0.52
CA ILE A 76 -29.10 18.61 1.83
C ILE A 76 -28.56 20.03 2.02
N ASP A 77 -28.88 20.62 3.17
CA ASP A 77 -28.41 21.95 3.51
C ASP A 77 -26.98 21.89 4.02
N MET A 78 -26.02 22.23 3.16
CA MET A 78 -24.60 22.13 3.51
C MET A 78 -24.18 23.02 4.69
N ASP A 79 -24.74 24.22 4.77
CA ASP A 79 -24.43 25.12 5.87
C ASP A 79 -24.84 24.51 7.21
N ALA A 80 -26.03 23.90 7.24
CA ALA A 80 -26.52 23.26 8.45
C ALA A 80 -25.71 22.01 8.78
N TYR A 81 -25.45 21.20 7.75
CA TYR A 81 -24.68 19.97 7.91
C TYR A 81 -23.30 20.26 8.50
N ARG A 82 -22.60 21.22 7.91
CA ARG A 82 -21.28 21.63 8.41
CA ARG A 82 -21.28 21.60 8.42
C ARG A 82 -21.35 22.10 9.86
N GLN A 83 -22.40 22.85 10.19
CA GLN A 83 -22.53 23.39 11.53
C GLN A 83 -22.76 22.27 12.52
N PHE A 84 -23.52 21.27 12.10
CA PHE A 84 -23.80 20.09 12.91
C PHE A 84 -22.52 19.29 13.18
N LEU A 85 -21.75 19.01 12.12
CA LEU A 85 -20.50 18.28 12.27
C LEU A 85 -19.55 19.01 13.21
N THR A 86 -19.61 20.34 13.22
CA THR A 86 -18.71 21.14 14.03
C THR A 86 -19.17 21.07 15.48
N GLU A 87 -20.48 21.08 15.68
CA GLU A 87 -21.05 21.06 17.01
C GLU A 87 -20.69 19.77 17.73
N ILE A 88 -20.78 18.65 17.02
CA ILE A 88 -20.59 17.35 17.65
C ILE A 88 -19.11 16.96 17.80
N GLY A 89 -18.22 17.79 17.27
CA GLY A 89 -16.79 17.57 17.43
C GLY A 89 -16.20 16.71 16.34
N TYR A 90 -16.96 16.52 15.26
CA TYR A 90 -16.49 15.75 14.11
C TYR A 90 -15.52 16.62 13.32
N LEU A 91 -15.95 17.84 13.03
CA LEU A 91 -15.15 18.84 12.34
C LEU A 91 -14.45 19.73 13.37
N LEU A 92 -13.13 19.61 13.47
CA LEU A 92 -12.39 20.41 14.44
C LEU A 92 -11.73 21.64 13.82
N PRO A 93 -11.39 22.63 14.65
CA PRO A 93 -10.68 23.82 14.19
C PRO A 93 -9.37 23.49 13.48
N GLU A 94 -9.10 24.21 12.40
CA GLU A 94 -7.83 24.12 11.70
C GLU A 94 -6.76 24.90 12.48
N PRO A 95 -5.61 24.25 12.75
CA PRO A 95 -4.55 24.93 13.50
C PRO A 95 -3.79 25.91 12.61
N ASP A 96 -2.97 26.77 13.23
CA ASP A 96 -2.14 27.70 12.49
C ASP A 96 -1.11 26.95 11.66
N ASP A 97 -0.63 27.59 10.59
CA ASP A 97 0.39 26.97 9.75
C ASP A 97 1.56 26.50 10.61
N PHE A 98 2.25 25.47 10.12
CA PHE A 98 3.41 24.92 10.80
C PHE A 98 4.24 24.11 9.81
N THR A 99 5.46 23.77 10.20
CA THR A 99 6.34 22.94 9.39
C THR A 99 6.69 21.72 10.23
N ILE A 100 6.71 20.55 9.60
CA ILE A 100 7.08 19.33 10.32
C ILE A 100 8.56 19.36 10.67
N THR A 101 8.94 18.63 11.72
CA THR A 101 10.30 18.66 12.22
C THR A 101 10.95 17.28 12.18
N THR A 102 10.22 16.31 11.65
CA THR A 102 10.73 14.94 11.58
C THR A 102 12.14 14.87 10.99
N SER A 103 13.05 14.23 11.71
CA SER A 103 14.44 14.11 11.24
C SER A 103 14.99 12.69 11.37
N GLY A 104 16.19 12.45 10.86
CA GLY A 104 16.77 11.12 10.86
C GLY A 104 16.13 10.21 9.82
N VAL A 105 15.51 10.82 8.81
CA VAL A 105 14.81 10.08 7.78
C VAL A 105 15.68 9.85 6.54
N ASP A 106 15.60 8.65 5.98
CA ASP A 106 16.40 8.29 4.79
C ASP A 106 16.01 9.08 3.53
N ALA A 107 16.97 9.20 2.60
CA ALA A 107 16.75 9.95 1.36
C ALA A 107 15.63 9.40 0.50
N GLU A 108 15.44 8.08 0.55
CA GLU A 108 14.41 7.41 -0.25
C GLU A 108 13.04 7.96 0.09
N ILE A 109 12.94 8.55 1.27
CA ILE A 109 11.68 9.08 1.76
C ILE A 109 11.60 10.60 1.67
N THR A 110 12.64 11.29 2.13
CA THR A 110 12.61 12.76 2.14
C THR A 110 12.69 13.37 0.74
N THR A 111 13.36 12.67 -0.16
CA THR A 111 13.86 13.32 -1.37
C THR A 111 13.55 12.61 -2.67
N THR A 112 13.73 11.30 -2.70
CA THR A 112 13.58 10.55 -3.93
C THR A 112 12.10 10.35 -4.25
N ALA A 113 11.66 10.82 -5.41
CA ALA A 113 10.29 10.54 -5.85
C ALA A 113 10.29 9.27 -6.69
N GLY A 114 9.39 8.33 -6.37
CA GLY A 114 9.32 7.09 -7.11
C GLY A 114 8.28 6.12 -6.56
N PRO A 115 8.08 4.97 -7.23
CA PRO A 115 7.07 3.98 -6.85
C PRO A 115 7.25 3.41 -5.44
N GLN A 116 6.14 3.08 -4.80
CA GLN A 116 6.15 2.42 -3.49
C GLN A 116 5.31 1.17 -3.62
N LEU A 117 5.94 0.03 -3.34
CA LEU A 117 5.31 -1.28 -3.51
C LEU A 117 4.75 -1.78 -2.18
N VAL A 118 3.55 -2.36 -2.21
CA VAL A 118 2.93 -2.95 -1.02
C VAL A 118 2.76 -4.44 -1.23
N VAL A 119 3.16 -5.23 -0.23
CA VAL A 119 3.13 -6.69 -0.35
C VAL A 119 2.75 -7.37 0.97
N PRO A 120 1.98 -8.47 0.90
CA PRO A 120 1.62 -9.20 2.11
C PRO A 120 2.82 -9.84 2.77
N VAL A 121 3.02 -9.50 4.03
CA VAL A 121 4.21 -9.95 4.75
C VAL A 121 4.18 -11.46 5.04
N LEU A 122 2.99 -12.06 4.98
CA LEU A 122 2.88 -13.49 5.27
C LEU A 122 3.38 -14.36 4.09
N ASN A 123 3.54 -13.75 2.92
CA ASN A 123 4.04 -14.48 1.76
C ASN A 123 5.54 -14.23 1.56
N ALA A 124 6.37 -15.13 2.05
CA ALA A 124 7.82 -14.90 2.05
C ALA A 124 8.40 -14.66 0.65
N ARG A 125 7.97 -15.46 -0.32
CA ARG A 125 8.44 -15.28 -1.69
C ARG A 125 8.11 -13.90 -2.24
N PHE A 126 6.86 -13.47 -2.06
CA PHE A 126 6.46 -12.13 -2.53
C PHE A 126 7.27 -11.04 -1.80
N ALA A 127 7.43 -11.22 -0.49
CA ALA A 127 8.15 -10.23 0.30
C ALA A 127 9.60 -10.09 -0.14
N LEU A 128 10.25 -11.22 -0.41
CA LEU A 128 11.61 -11.21 -0.95
C LEU A 128 11.69 -10.48 -2.29
N ASN A 129 10.82 -10.86 -3.23
CA ASN A 129 10.80 -10.21 -4.54
C ASN A 129 10.60 -8.70 -4.40
N ALA A 130 9.76 -8.30 -3.44
CA ALA A 130 9.47 -6.89 -3.23
C ALA A 130 10.69 -6.16 -2.69
N ALA A 131 11.33 -6.73 -1.67
CA ALA A 131 12.53 -6.12 -1.13
C ALA A 131 13.56 -5.95 -2.24
N ASN A 132 13.58 -6.92 -3.16
CA ASN A 132 14.56 -6.93 -4.23
C ASN A 132 14.13 -6.10 -5.45
N ALA A 133 12.94 -5.50 -5.39
CA ALA A 133 12.38 -4.77 -6.52
C ALA A 133 12.95 -3.34 -6.67
N ARG A 134 13.94 -2.98 -5.86
CA ARG A 134 14.60 -1.67 -5.98
C ARG A 134 15.16 -1.50 -7.39
N TRP A 135 15.60 -2.60 -7.98
CA TRP A 135 16.08 -2.58 -9.36
C TRP A 135 15.30 -3.61 -10.12
N GLY A 136 14.91 -3.29 -11.34
CA GLY A 136 14.13 -4.22 -12.15
C GLY A 136 14.35 -3.99 -13.62
N SER A 137 14.23 -5.06 -14.40
CA SER A 137 14.44 -5.05 -15.85
C SER A 137 13.30 -4.37 -16.62
N LEU A 138 13.60 -3.27 -17.31
CA LEU A 138 12.63 -2.68 -18.22
C LEU A 138 12.25 -3.62 -19.37
N TYR A 139 13.22 -4.38 -19.89
CA TYR A 139 12.91 -5.25 -21.02
C TYR A 139 11.92 -6.32 -20.59
N ASP A 140 12.14 -6.90 -19.42
CA ASP A 140 11.24 -7.93 -18.94
CA ASP A 140 11.24 -7.93 -18.92
C ASP A 140 9.84 -7.37 -18.76
N ALA A 141 9.75 -6.17 -18.17
CA ALA A 141 8.47 -5.54 -17.88
C ALA A 141 7.68 -5.23 -19.16
N LEU A 142 8.39 -4.82 -20.19
CA LEU A 142 7.77 -4.49 -21.47
C LEU A 142 7.41 -5.75 -22.25
N TYR A 143 8.36 -6.68 -22.34
CA TYR A 143 8.14 -7.89 -23.12
C TYR A 143 7.03 -8.73 -22.49
N GLY A 144 7.02 -8.81 -21.17
CA GLY A 144 6.12 -9.71 -20.48
C GLY A 144 4.71 -9.21 -20.25
N THR A 145 4.43 -7.95 -20.58
CA THR A 145 3.11 -7.38 -20.32
C THR A 145 2.48 -6.83 -21.59
N ASP A 146 1.27 -6.29 -21.47
CA ASP A 146 0.60 -5.72 -22.63
C ASP A 146 1.02 -4.29 -22.98
N VAL A 147 2.05 -3.76 -22.32
CA VAL A 147 2.56 -2.45 -22.71
C VAL A 147 2.98 -2.47 -24.18
N ILE A 148 3.60 -3.57 -24.60
CA ILE A 148 3.84 -3.77 -26.03
C ILE A 148 2.68 -4.62 -26.55
N PRO A 149 1.85 -4.05 -27.44
CA PRO A 149 0.68 -4.79 -27.92
C PRO A 149 1.06 -6.10 -28.60
N GLU A 150 0.20 -7.10 -28.48
CA GLU A 150 0.42 -8.37 -29.16
C GLU A 150 -0.29 -8.36 -30.50
N THR A 151 -0.01 -7.33 -31.30
CA THR A 151 -0.56 -7.23 -32.64
C THR A 151 0.00 -8.37 -33.46
N ASP A 152 -0.49 -8.50 -34.69
CA ASP A 152 0.03 -9.50 -35.61
C ASP A 152 1.54 -9.40 -35.68
N GLY A 153 2.22 -10.52 -35.44
CA GLY A 153 3.67 -10.56 -35.53
C GLY A 153 4.39 -10.44 -34.20
N ALA A 154 3.84 -9.65 -33.28
CA ALA A 154 4.51 -9.38 -32.01
C ALA A 154 3.91 -10.14 -30.83
N GLU A 155 3.23 -11.24 -31.12
CA GLU A 155 2.62 -12.03 -30.05
C GLU A 155 3.66 -12.78 -29.22
N LYS A 156 3.36 -12.96 -27.94
CA LYS A 156 4.20 -13.80 -27.10
C LYS A 156 3.96 -15.25 -27.46
N GLY A 157 4.91 -16.12 -27.12
CA GLY A 157 4.76 -17.54 -27.37
C GLY A 157 5.67 -18.34 -26.47
N PRO A 158 5.76 -19.66 -26.72
CA PRO A 158 6.67 -20.51 -25.94
C PRO A 158 8.10 -19.99 -25.98
N THR A 159 8.52 -19.44 -27.11
CA THR A 159 9.90 -18.97 -27.26
C THR A 159 10.00 -17.48 -27.59
N TYR A 160 11.23 -16.97 -27.57
CA TYR A 160 11.51 -15.56 -27.87
C TYR A 160 11.00 -15.16 -29.24
N ASN A 161 10.18 -14.11 -29.27
CA ASN A 161 9.72 -13.53 -30.52
C ASN A 161 10.53 -12.29 -30.84
N LYS A 162 11.38 -12.37 -31.87
CA LYS A 162 12.30 -11.29 -32.22
C LYS A 162 11.59 -10.01 -32.66
N VAL A 163 10.42 -10.17 -33.28
CA VAL A 163 9.64 -9.00 -33.68
C VAL A 163 9.18 -8.21 -32.45
N ARG A 164 8.78 -8.93 -31.41
CA ARG A 164 8.34 -8.28 -30.18
C ARG A 164 9.56 -7.73 -29.44
N GLY A 165 10.63 -8.52 -29.40
CA GLY A 165 11.87 -8.08 -28.81
C GLY A 165 12.32 -6.74 -29.37
N ASP A 166 12.22 -6.58 -30.68
CA ASP A 166 12.61 -5.32 -31.34
C ASP A 166 11.73 -4.13 -30.93
N LYS A 167 10.44 -4.36 -30.73
CA LYS A 167 9.56 -3.31 -30.25
C LYS A 167 9.94 -2.90 -28.82
N VAL A 168 10.31 -3.89 -28.01
CA VAL A 168 10.76 -3.63 -26.64
C VAL A 168 12.01 -2.75 -26.70
N ILE A 169 12.95 -3.14 -27.54
CA ILE A 169 14.18 -2.37 -27.70
C ILE A 169 13.87 -0.93 -28.10
N ALA A 170 12.99 -0.76 -29.10
CA ALA A 170 12.66 0.58 -29.59
C ALA A 170 11.99 1.45 -28.52
N TYR A 171 11.08 0.84 -27.77
CA TYR A 171 10.40 1.53 -26.68
C TYR A 171 11.41 2.09 -25.68
N ALA A 172 12.37 1.25 -25.31
CA ALA A 172 13.39 1.63 -24.33
C ALA A 172 14.34 2.70 -24.89
N ARG A 173 14.68 2.59 -26.17
CA ARG A 173 15.52 3.63 -26.80
C ARG A 173 14.85 4.99 -26.75
N LYS A 174 13.55 5.01 -26.98
CA LYS A 174 12.78 6.25 -26.90
C LYS A 174 12.74 6.77 -25.47
N PHE A 175 12.56 5.87 -24.52
CA PHE A 175 12.63 6.26 -23.11
C PHE A 175 13.96 6.99 -22.81
N LEU A 176 15.07 6.44 -23.31
CA LEU A 176 16.38 7.02 -23.06
C LEU A 176 16.48 8.42 -23.69
N ASP A 177 16.04 8.56 -24.94
CA ASP A 177 16.03 9.89 -25.58
C ASP A 177 15.21 10.88 -24.76
N ASP A 178 14.07 10.45 -24.25
CA ASP A 178 13.18 11.34 -23.52
C ASP A 178 13.72 11.70 -22.13
N SER A 179 14.55 10.84 -21.55
CA SER A 179 14.97 10.96 -20.15
C SER A 179 16.39 11.52 -19.98
N VAL A 180 17.29 11.04 -20.83
CA VAL A 180 18.71 11.40 -20.76
C VAL A 180 19.22 11.76 -22.17
N PRO A 181 18.72 12.87 -22.72
CA PRO A 181 18.91 13.25 -24.12
C PRO A 181 20.38 13.39 -24.53
N LEU A 182 20.70 13.02 -25.76
CA LEU A 182 22.03 13.24 -26.30
C LEU A 182 22.16 14.68 -26.80
N SER A 183 23.38 15.20 -26.84
CA SER A 183 23.63 16.52 -27.42
C SER A 183 22.98 16.59 -28.79
N SER A 184 23.26 15.58 -29.62
CA SER A 184 22.59 15.44 -30.91
C SER A 184 22.46 13.97 -31.26
N GLY A 185 21.43 13.64 -32.03
CA GLY A 185 21.21 12.26 -32.42
C GLY A 185 20.33 11.54 -31.42
N SER A 186 19.99 10.29 -31.74
CA SER A 186 19.16 9.47 -30.87
C SER A 186 19.89 8.24 -30.37
N PHE A 187 19.55 7.78 -29.18
CA PHE A 187 20.04 6.50 -28.67
C PHE A 187 19.65 5.38 -29.64
N GLY A 188 18.57 5.58 -30.39
CA GLY A 188 18.14 4.57 -31.34
C GLY A 188 19.24 4.22 -32.34
N ASP A 189 20.14 5.18 -32.58
CA ASP A 189 21.21 5.01 -33.57
C ASP A 189 22.58 4.78 -32.95
N ALA A 190 22.62 4.68 -31.62
CA ALA A 190 23.88 4.40 -30.92
C ALA A 190 24.53 3.13 -31.42
N THR A 191 25.86 3.14 -31.55
CA THR A 191 26.61 1.92 -31.84
C THR A 191 27.59 1.53 -30.75
N GLY A 192 27.75 2.39 -29.74
CA GLY A 192 28.63 2.06 -28.65
C GLY A 192 28.70 3.14 -27.58
N PHE A 193 29.27 2.77 -26.44
CA PHE A 193 29.44 3.68 -25.32
C PHE A 193 30.86 3.58 -24.78
N THR A 194 31.45 4.72 -24.43
CA THR A 194 32.76 4.74 -23.79
C THR A 194 32.87 5.88 -22.80
N VAL A 195 33.86 5.77 -21.92
CA VAL A 195 34.17 6.83 -20.97
C VAL A 195 35.57 7.36 -21.22
N GLN A 196 35.66 8.63 -21.58
CA GLN A 196 36.96 9.25 -21.80
C GLN A 196 37.02 10.59 -21.09
N ASP A 197 38.13 10.81 -20.39
CA ASP A 197 38.30 11.99 -19.56
C ASP A 197 37.09 12.12 -18.65
N GLY A 198 36.62 10.98 -18.14
CA GLY A 198 35.51 10.92 -17.21
C GLY A 198 34.18 11.35 -17.80
N GLN A 199 34.05 11.28 -19.13
CA GLN A 199 32.87 11.78 -19.80
C GLN A 199 32.25 10.71 -20.70
N LEU A 200 30.94 10.58 -20.66
CA LEU A 200 30.26 9.57 -21.47
C LEU A 200 30.29 9.98 -22.93
N VAL A 201 30.81 9.10 -23.77
CA VAL A 201 30.80 9.34 -25.20
C VAL A 201 29.99 8.26 -25.90
N VAL A 202 29.00 8.68 -26.68
CA VAL A 202 28.14 7.75 -27.39
C VAL A 202 28.47 7.76 -28.88
N ALA A 203 28.80 6.60 -29.43
CA ALA A 203 29.09 6.49 -30.85
C ALA A 203 27.81 6.45 -31.68
N LEU A 204 27.72 7.35 -32.66
CA LEU A 204 26.65 7.35 -33.64
C LEU A 204 27.25 6.88 -34.97
N PRO A 205 26.42 6.57 -35.97
CA PRO A 205 27.00 6.04 -37.22
C PRO A 205 27.99 7.02 -37.83
N ASP A 206 27.66 8.31 -37.81
CA ASP A 206 28.43 9.35 -38.49
C ASP A 206 29.42 10.08 -37.59
N LYS A 207 28.99 10.45 -36.39
CA LYS A 207 29.86 11.14 -35.46
C LYS A 207 29.77 10.53 -34.05
N SER A 208 30.32 11.24 -33.08
CA SER A 208 30.16 10.89 -31.66
C SER A 208 29.51 12.05 -30.91
N THR A 209 28.90 11.75 -29.77
CA THR A 209 28.18 12.77 -29.02
C THR A 209 28.20 12.47 -27.51
N GLY A 210 27.82 13.46 -26.72
CA GLY A 210 27.69 13.29 -25.28
C GLY A 210 26.27 13.64 -24.87
N LEU A 211 26.00 13.58 -23.57
CA LEU A 211 24.69 13.93 -23.04
C LEU A 211 24.49 15.43 -23.11
N ALA A 212 23.25 15.86 -23.39
CA ALA A 212 22.92 17.27 -23.30
C ALA A 212 23.31 17.77 -21.91
N ASN A 213 23.09 16.93 -20.90
CA ASN A 213 23.47 17.25 -19.54
C ASN A 213 24.42 16.19 -18.99
N PRO A 214 25.74 16.47 -19.07
CA PRO A 214 26.77 15.52 -18.65
C PRO A 214 26.63 15.11 -17.19
N GLY A 215 25.88 15.90 -16.42
CA GLY A 215 25.64 15.58 -15.02
C GLY A 215 24.79 14.32 -14.83
N GLN A 216 24.03 13.95 -15.86
CA GLN A 216 23.20 12.74 -15.78
C GLN A 216 24.03 11.46 -15.88
N PHE A 217 25.31 11.60 -16.19
CA PHE A 217 26.20 10.44 -16.19
C PHE A 217 26.69 10.15 -14.77
N ALA A 218 26.24 9.03 -14.20
CA ALA A 218 26.44 8.74 -12.78
C ALA A 218 27.58 7.79 -12.55
N GLY A 219 27.90 6.99 -13.56
CA GLY A 219 28.99 6.04 -13.42
C GLY A 219 28.91 4.90 -14.40
N TYR A 220 29.71 3.87 -14.17
CA TYR A 220 29.78 2.73 -15.06
C TYR A 220 30.37 1.52 -14.36
N THR A 221 30.30 0.38 -15.03
CA THR A 221 31.03 -0.81 -14.61
C THR A 221 31.89 -1.27 -15.77
N GLY A 222 32.89 -2.10 -15.46
CA GLY A 222 33.82 -2.59 -16.46
C GLY A 222 34.88 -1.54 -16.81
N ALA A 223 35.58 -1.75 -17.92
CA ALA A 223 36.63 -0.84 -18.36
C ALA A 223 36.06 0.44 -18.95
N ALA A 224 36.73 1.56 -18.69
CA ALA A 224 36.26 2.83 -19.19
C ALA A 224 36.19 2.86 -20.72
N GLU A 225 37.06 2.09 -21.37
CA GLU A 225 37.16 2.11 -22.82
C GLU A 225 36.04 1.32 -23.50
N SER A 226 35.48 0.36 -22.79
CA SER A 226 34.31 -0.40 -23.27
C SER A 226 33.53 -0.94 -22.08
N PRO A 227 32.77 -0.05 -21.40
CA PRO A 227 32.09 -0.40 -20.16
C PRO A 227 31.16 -1.60 -20.35
N THR A 228 30.99 -2.40 -19.30
CA THR A 228 30.00 -3.47 -19.30
C THR A 228 28.62 -2.92 -18.92
N SER A 229 28.58 -1.68 -18.45
CA SER A 229 27.32 -0.99 -18.23
C SER A 229 27.56 0.49 -18.00
N VAL A 230 26.52 1.27 -18.21
CA VAL A 230 26.56 2.71 -18.04
C VAL A 230 25.41 3.11 -17.15
N LEU A 231 25.72 3.87 -16.10
CA LEU A 231 24.73 4.26 -15.11
C LEU A 231 24.40 5.72 -15.29
N LEU A 232 23.12 6.00 -15.48
CA LEU A 232 22.63 7.36 -15.65
C LEU A 232 21.70 7.71 -14.50
N ILE A 233 21.47 9.00 -14.31
CA ILE A 233 20.50 9.43 -13.31
C ILE A 233 19.62 10.53 -13.85
N ASN A 234 18.34 10.47 -13.52
CA ASN A 234 17.38 11.46 -13.97
C ASN A 234 16.29 11.63 -12.93
N HIS A 235 16.06 12.88 -12.53
CA HIS A 235 15.08 13.16 -11.49
C HIS A 235 15.34 12.35 -10.23
N GLY A 236 16.61 12.04 -9.98
CA GLY A 236 17.00 11.33 -8.78
C GLY A 236 16.93 9.81 -8.85
N LEU A 237 16.45 9.28 -9.97
CA LEU A 237 16.33 7.84 -10.15
C LEU A 237 17.37 7.33 -11.14
N HIS A 238 17.94 6.15 -10.87
CA HIS A 238 19.00 5.60 -11.71
C HIS A 238 18.49 4.73 -12.84
N ILE A 239 19.21 4.77 -13.96
CA ILE A 239 18.91 3.97 -15.14
C ILE A 239 20.20 3.27 -15.51
N GLU A 240 20.17 1.96 -15.70
CA GLU A 240 21.40 1.28 -16.12
C GLU A 240 21.30 0.54 -17.45
N ILE A 241 22.15 0.91 -18.38
CA ILE A 241 22.20 0.25 -19.67
C ILE A 241 23.21 -0.87 -19.58
N LEU A 242 22.76 -2.11 -19.72
CA LEU A 242 23.63 -3.26 -19.68
C LEU A 242 24.17 -3.55 -21.07
N ILE A 243 25.49 -3.50 -21.21
CA ILE A 243 26.12 -3.68 -22.50
C ILE A 243 26.74 -5.07 -22.59
N ASP A 244 26.22 -5.91 -23.47
CA ASP A 244 26.72 -7.26 -23.60
C ASP A 244 26.43 -7.91 -24.96
N PRO A 245 27.30 -7.65 -25.94
CA PRO A 245 27.12 -8.16 -27.32
C PRO A 245 27.06 -9.69 -27.39
N GLU A 246 27.54 -10.37 -26.36
CA GLU A 246 27.57 -11.82 -26.36
C GLU A 246 26.19 -12.42 -26.08
N SER A 247 25.30 -11.65 -25.47
CA SER A 247 23.98 -12.16 -25.10
C SER A 247 23.09 -12.28 -26.32
N GLN A 248 22.01 -13.06 -26.19
CA GLN A 248 21.05 -13.23 -27.27
C GLN A 248 20.51 -11.89 -27.79
N VAL A 249 19.94 -11.11 -26.88
CA VAL A 249 19.40 -9.80 -27.23
C VAL A 249 20.51 -8.85 -27.69
N GLY A 250 21.65 -8.87 -26.99
CA GLY A 250 22.73 -7.97 -27.34
C GLY A 250 23.30 -8.26 -28.73
N THR A 251 23.30 -9.52 -29.12
CA THR A 251 23.79 -9.90 -30.45
C THR A 251 23.06 -9.13 -31.55
N THR A 252 21.73 -9.00 -31.39
CA THR A 252 20.89 -8.35 -32.38
C THR A 252 20.90 -6.83 -32.28
N ASP A 253 21.40 -6.29 -31.16
CA ASP A 253 21.29 -4.86 -30.88
C ASP A 253 22.40 -4.04 -31.55
N ARG A 254 22.04 -2.85 -32.05
CA ARG A 254 22.97 -1.99 -32.78
CA ARG A 254 22.96 -2.00 -32.78
C ARG A 254 24.16 -1.56 -31.94
N ALA A 255 24.01 -1.57 -30.63
CA ALA A 255 25.07 -1.15 -29.73
C ALA A 255 25.38 -2.24 -28.69
N GLY A 256 24.93 -3.45 -28.98
CA GLY A 256 25.15 -4.60 -28.10
C GLY A 256 24.46 -4.48 -26.74
N VAL A 257 23.45 -3.64 -26.65
CA VAL A 257 22.72 -3.49 -25.38
C VAL A 257 21.89 -4.76 -25.08
N LYS A 258 21.95 -5.23 -23.83
CA LYS A 258 21.27 -6.46 -23.43
C LYS A 258 19.97 -6.17 -22.68
N ASP A 259 19.94 -5.05 -21.95
CA ASP A 259 18.81 -4.70 -21.10
C ASP A 259 18.99 -3.27 -20.61
N VAL A 260 17.89 -2.70 -20.12
CA VAL A 260 17.92 -1.41 -19.46
C VAL A 260 17.28 -1.64 -18.11
N ILE A 261 18.02 -1.39 -17.04
CA ILE A 261 17.53 -1.66 -15.69
C ILE A 261 17.10 -0.37 -15.06
N LEU A 262 15.90 -0.35 -14.47
CA LEU A 262 15.41 0.85 -13.83
C LEU A 262 15.41 0.71 -12.32
N GLU A 263 15.85 1.75 -11.62
CA GLU A 263 15.62 1.82 -10.18
C GLU A 263 14.10 2.01 -10.05
N SER A 264 13.43 1.09 -9.35
CA SER A 264 11.97 0.94 -9.45
C SER A 264 11.24 1.15 -8.13
N ALA A 265 11.14 0.12 -7.31
CA ALA A 265 10.46 0.24 -6.02
C ALA A 265 11.43 0.81 -5.01
N ILE A 266 11.39 2.12 -4.86
CA ILE A 266 12.33 2.82 -3.98
C ILE A 266 12.11 2.39 -2.53
N THR A 267 10.84 2.29 -2.15
CA THR A 267 10.48 1.81 -0.82
C THR A 267 9.37 0.77 -0.97
N THR A 268 9.27 -0.11 0.01
CA THR A 268 8.28 -1.18 0.01
C THR A 268 7.61 -1.22 1.38
N ILE A 269 6.31 -1.46 1.38
CA ILE A 269 5.56 -1.60 2.63
C ILE A 269 5.23 -3.06 2.86
N MET A 270 5.82 -3.64 3.91
CA MET A 270 5.56 -5.02 4.26
C MET A 270 4.30 -5.02 5.11
N ASP A 271 3.26 -5.67 4.59
CA ASP A 271 1.91 -5.44 5.12
C ASP A 271 1.46 -6.50 6.12
N PHE A 272 1.04 -6.03 7.31
CA PHE A 272 0.36 -6.88 8.28
C PHE A 272 -1.15 -6.66 8.26
N GLU A 273 -1.61 -5.66 7.49
CA GLU A 273 -3.00 -5.25 7.55
C GLU A 273 -3.85 -5.80 6.39
N ASP A 274 -4.33 -4.93 5.51
CA ASP A 274 -5.43 -5.32 4.62
C ASP A 274 -5.13 -6.40 3.57
N SER A 275 -3.86 -6.73 3.36
CA SER A 275 -3.52 -7.74 2.33
C SER A 275 -3.22 -9.13 2.92
N VAL A 276 -3.35 -9.27 4.24
CA VAL A 276 -3.11 -10.56 4.89
C VAL A 276 -4.26 -10.99 5.79
N ALA A 277 -4.39 -12.30 5.99
CA ALA A 277 -5.38 -12.86 6.91
C ALA A 277 -4.67 -13.54 8.07
N ALA A 278 -4.72 -12.93 9.24
CA ALA A 278 -4.02 -13.42 10.42
C ALA A 278 -4.90 -13.23 11.64
N VAL A 279 -5.45 -14.32 12.16
CA VAL A 279 -6.57 -14.21 13.09
C VAL A 279 -6.26 -14.80 14.47
N ASP A 280 -5.02 -15.26 14.66
CA ASP A 280 -4.61 -15.81 15.94
C ASP A 280 -3.08 -15.74 16.06
N ALA A 281 -2.56 -16.31 17.15
CA ALA A 281 -1.13 -16.21 17.42
C ALA A 281 -0.31 -16.94 16.36
N ALA A 282 -0.79 -18.10 15.94
CA ALA A 282 -0.09 -18.86 14.91
C ALA A 282 0.10 -18.02 13.64
N ASP A 283 -0.97 -17.37 13.16
CA ASP A 283 -0.86 -16.53 11.96
C ASP A 283 0.07 -15.33 12.17
N LYS A 284 -0.05 -14.66 13.32
CA LYS A 284 0.75 -13.47 13.62
C LYS A 284 2.24 -13.82 13.66
N VAL A 285 2.57 -14.97 14.25
CA VAL A 285 3.96 -15.42 14.30
C VAL A 285 4.56 -15.66 12.91
N LEU A 286 3.77 -16.24 12.00
CA LEU A 286 4.23 -16.43 10.62
C LEU A 286 4.66 -15.09 10.01
N GLY A 287 3.83 -14.08 10.22
CA GLY A 287 4.11 -12.75 9.72
C GLY A 287 5.32 -12.14 10.41
N TYR A 288 5.33 -12.19 11.74
CA TYR A 288 6.44 -11.63 12.50
C TYR A 288 7.77 -12.28 12.09
N ARG A 289 7.75 -13.59 11.89
CA ARG A 289 8.98 -14.29 11.52
C ARG A 289 9.53 -13.84 10.15
N ASN A 290 8.65 -13.57 9.20
CA ASN A 290 9.08 -13.05 7.88
C ASN A 290 9.68 -11.64 7.99
N TRP A 291 9.04 -10.80 8.80
CA TRP A 291 9.52 -9.44 9.04
C TRP A 291 10.89 -9.52 9.72
N LEU A 292 11.03 -10.48 10.62
CA LEU A 292 12.33 -10.72 11.28
C LEU A 292 13.42 -11.10 10.28
N GLY A 293 13.11 -12.07 9.43
CA GLY A 293 14.02 -12.52 8.39
C GLY A 293 14.42 -11.40 7.43
N LEU A 294 13.48 -10.51 7.13
CA LEU A 294 13.78 -9.37 6.27
C LEU A 294 14.77 -8.43 6.95
N ASN A 295 14.51 -8.12 8.22
CA ASN A 295 15.38 -7.19 8.96
C ASN A 295 16.75 -7.75 9.33
N LYS A 296 16.82 -9.05 9.63
CA LYS A 296 18.12 -9.69 9.90
C LYS A 296 18.84 -10.01 8.61
N GLY A 297 18.10 -9.97 7.51
CA GLY A 297 18.69 -10.11 6.20
C GLY A 297 18.87 -11.54 5.72
N ASP A 298 18.29 -12.48 6.46
CA ASP A 298 18.52 -13.90 6.15
C ASP A 298 17.27 -14.65 5.69
N LEU A 299 16.21 -13.92 5.38
CA LEU A 299 15.01 -14.56 4.82
C LEU A 299 15.38 -15.22 3.49
N ALA A 300 15.01 -16.49 3.34
CA ALA A 300 15.36 -17.24 2.14
C ALA A 300 14.27 -18.26 1.77
N ALA A 301 13.97 -18.38 0.48
CA ALA A 301 12.99 -19.37 0.01
C ALA A 301 13.62 -20.54 -0.75
N ALA A 302 13.23 -20.73 -2.01
CA ALA A 302 13.77 -21.83 -2.83
C ALA A 302 13.21 -21.83 -4.25
N LEU A 311 17.86 -21.47 -3.50
CA LEU A 311 17.55 -20.42 -2.53
C LEU A 311 17.41 -19.04 -3.17
N ARG A 312 16.24 -18.42 -3.00
CA ARG A 312 16.11 -16.99 -3.28
C ARG A 312 16.42 -16.20 -2.01
N VAL A 313 17.22 -15.15 -2.14
CA VAL A 313 17.70 -14.36 -1.01
C VAL A 313 17.71 -12.86 -1.30
N LEU A 314 18.00 -12.06 -0.29
CA LEU A 314 18.01 -10.60 -0.45
C LEU A 314 19.24 -10.12 -1.20
N ASN A 315 19.06 -9.11 -2.04
CA ASN A 315 20.17 -8.56 -2.81
C ASN A 315 21.15 -7.74 -1.97
N ARG A 316 22.41 -7.73 -2.37
CA ARG A 316 23.41 -6.87 -1.74
C ARG A 316 23.44 -5.54 -2.49
N ASP A 317 24.17 -4.56 -1.96
CA ASP A 317 24.26 -3.28 -2.66
C ASP A 317 24.99 -3.43 -4.00
N ARG A 318 24.91 -2.40 -4.83
CA ARG A 318 25.48 -2.47 -6.19
C ARG A 318 26.74 -1.61 -6.32
N ASN A 319 27.79 -2.18 -6.91
CA ASN A 319 29.08 -1.51 -7.04
C ASN A 319 29.27 -0.82 -8.38
N TYR A 320 29.71 0.44 -8.35
CA TYR A 320 29.95 1.21 -9.57
C TYR A 320 31.27 1.97 -9.52
N THR A 321 31.77 2.34 -10.70
CA THR A 321 32.88 3.26 -10.82
C THR A 321 32.36 4.65 -11.15
N ALA A 322 32.81 5.67 -10.43
CA ALA A 322 32.35 7.03 -10.68
C ALA A 322 32.88 7.54 -12.01
N PRO A 323 32.26 8.58 -12.57
CA PRO A 323 32.77 9.09 -13.84
C PRO A 323 34.29 9.31 -13.80
N GLY A 324 34.78 9.79 -12.65
CA GLY A 324 36.19 10.09 -12.48
C GLY A 324 37.14 8.90 -12.32
N GLY A 325 36.61 7.75 -11.94
CA GLY A 325 37.41 6.55 -11.84
C GLY A 325 37.44 5.88 -10.48
N GLY A 326 36.99 6.61 -9.45
CA GLY A 326 36.92 6.09 -8.11
C GLY A 326 35.70 5.20 -7.94
N GLN A 327 35.50 4.67 -6.73
CA GLN A 327 34.45 3.69 -6.50
C GLN A 327 33.31 4.22 -5.66
N PHE A 328 32.12 3.64 -5.85
CA PHE A 328 30.98 3.91 -4.97
C PHE A 328 29.96 2.78 -5.00
N THR A 329 28.97 2.85 -4.11
CA THR A 329 27.95 1.84 -4.06
CA THR A 329 27.93 1.84 -4.06
C THR A 329 26.56 2.49 -4.03
N LEU A 330 25.55 1.71 -4.41
CA LEU A 330 24.16 2.15 -4.35
C LEU A 330 23.34 1.06 -3.68
N PRO A 331 22.28 1.47 -2.95
CA PRO A 331 21.40 0.51 -2.28
C PRO A 331 20.82 -0.53 -3.24
N GLY A 332 20.93 -1.81 -2.90
CA GLY A 332 20.41 -2.87 -3.74
C GLY A 332 19.00 -3.30 -3.37
N ARG A 333 18.52 -2.83 -2.22
CA ARG A 333 17.21 -3.24 -1.72
CA ARG A 333 17.22 -3.22 -1.68
C ARG A 333 16.26 -2.05 -1.56
N SER A 334 14.96 -2.35 -1.61
CA SER A 334 13.93 -1.38 -1.32
CA SER A 334 13.94 -1.35 -1.33
C SER A 334 13.95 -1.04 0.16
N LEU A 335 13.89 0.24 0.51
CA LEU A 335 13.86 0.64 1.92
C LEU A 335 12.51 0.24 2.50
N MET A 336 12.51 -0.49 3.60
CA MET A 336 11.27 -1.11 4.07
C MET A 336 10.49 -0.33 5.12
N PHE A 337 9.19 -0.20 4.87
CA PHE A 337 8.21 0.17 5.89
C PHE A 337 7.52 -1.11 6.34
N VAL A 338 6.79 -1.04 7.45
CA VAL A 338 5.87 -2.11 7.84
C VAL A 338 4.50 -1.50 8.15
N ARG A 339 3.44 -2.04 7.56
CA ARG A 339 2.11 -1.52 7.89
C ARG A 339 1.51 -2.36 9.01
N ASN A 340 1.40 -1.74 10.18
CA ASN A 340 0.72 -2.33 11.33
C ASN A 340 -0.80 -2.30 11.12
N VAL A 341 -1.55 -3.08 11.89
CA VAL A 341 -3.00 -2.89 11.87
C VAL A 341 -3.36 -1.60 12.63
N GLY A 342 -4.57 -1.09 12.45
CA GLY A 342 -5.05 0.11 13.10
C GLY A 342 -5.66 -0.15 14.48
N HIS A 343 -6.39 0.83 14.99
CA HIS A 343 -6.88 0.78 16.37
C HIS A 343 -8.05 -0.18 16.64
N LEU A 344 -8.70 -0.73 15.61
CA LEU A 344 -9.96 -1.47 15.82
C LEU A 344 -9.84 -2.82 16.52
N MET A 345 -9.08 -3.73 15.94
CA MET A 345 -9.27 -5.15 16.26
C MET A 345 -8.51 -5.60 17.50
N THR A 346 -9.06 -6.60 18.18
CA THR A 346 -8.30 -7.33 19.19
C THR A 346 -7.89 -8.66 18.59
N ASN A 347 -6.98 -9.36 19.26
CA ASN A 347 -6.51 -10.64 18.79
C ASN A 347 -6.22 -11.52 20.00
N ASP A 348 -6.60 -12.79 19.96
CA ASP A 348 -6.45 -13.63 21.13
C ASP A 348 -5.04 -14.17 21.32
N ALA A 349 -4.10 -13.71 20.50
CA ALA A 349 -2.70 -14.05 20.70
C ALA A 349 -2.29 -13.72 22.14
N ILE A 350 -2.90 -12.67 22.69
CA ILE A 350 -2.80 -12.38 24.11
C ILE A 350 -4.18 -12.08 24.68
N VAL A 351 -4.49 -12.68 25.83
CA VAL A 351 -5.72 -12.34 26.54
C VAL A 351 -5.37 -11.94 27.97
N ASP A 352 -6.22 -11.16 28.62
CA ASP A 352 -5.95 -10.83 30.01
C ASP A 352 -6.59 -11.87 30.92
N THR A 353 -6.47 -11.67 32.23
CA THR A 353 -6.98 -12.65 33.19
CA THR A 353 -6.98 -12.65 33.19
C THR A 353 -8.49 -12.86 33.06
N ASP A 354 -9.20 -11.85 32.59
CA ASP A 354 -10.64 -11.94 32.38
C ASP A 354 -11.00 -12.67 31.10
N GLY A 355 -9.99 -12.92 30.26
CA GLY A 355 -10.23 -13.58 28.98
C GLY A 355 -10.46 -12.59 27.84
N SER A 356 -10.39 -11.29 28.13
CA SER A 356 -10.48 -10.27 27.09
C SER A 356 -9.28 -10.32 26.17
N GLU A 357 -9.52 -10.15 24.88
CA GLU A 357 -8.41 -10.10 23.92
C GLU A 357 -7.71 -8.76 23.98
N VAL A 358 -6.41 -8.77 23.70
CA VAL A 358 -5.61 -7.54 23.69
C VAL A 358 -5.72 -6.84 22.33
N PHE A 359 -5.72 -5.51 22.33
CA PHE A 359 -5.74 -4.74 21.08
C PHE A 359 -4.55 -5.12 20.20
N GLU A 360 -4.84 -5.40 18.92
CA GLU A 360 -3.85 -5.89 17.99
C GLU A 360 -2.85 -4.80 17.53
N GLY A 361 -3.33 -3.57 17.41
CA GLY A 361 -2.45 -2.47 17.04
C GLY A 361 -1.37 -2.26 18.08
N ILE A 362 -1.75 -2.36 19.36
CA ILE A 362 -0.79 -2.22 20.45
C ILE A 362 0.28 -3.32 20.33
N MET A 363 -0.15 -4.56 20.14
CA MET A 363 0.78 -5.66 19.92
C MET A 363 1.70 -5.45 18.71
N ASP A 364 1.14 -4.97 17.61
CA ASP A 364 1.96 -4.77 16.42
C ASP A 364 3.04 -3.74 16.68
N ALA A 365 2.72 -2.66 17.40
CA ALA A 365 3.75 -1.65 17.67
C ALA A 365 4.89 -2.26 18.49
N LEU A 366 4.54 -2.97 19.55
CA LEU A 366 5.53 -3.68 20.36
C LEU A 366 6.37 -4.67 19.55
N PHE A 367 5.71 -5.59 18.85
CA PHE A 367 6.45 -6.68 18.19
C PHE A 367 7.11 -6.26 16.86
N THR A 368 6.43 -5.49 16.02
CA THR A 368 7.10 -5.05 14.77
C THR A 368 8.22 -4.07 15.07
N GLY A 369 8.04 -3.27 16.13
CA GLY A 369 9.06 -2.31 16.52
C GLY A 369 10.29 -3.05 17.05
N LEU A 370 10.05 -4.01 17.94
CA LEU A 370 11.13 -4.86 18.44
C LEU A 370 11.92 -5.48 17.30
N ILE A 371 11.21 -6.14 16.39
CA ILE A 371 11.85 -6.82 15.27
CA ILE A 371 11.87 -6.83 15.29
C ILE A 371 12.64 -5.87 14.37
N ALA A 372 12.11 -4.67 14.18
CA ALA A 372 12.76 -3.68 13.30
C ALA A 372 14.16 -3.25 13.79
N ILE A 373 14.43 -3.45 15.08
CA ILE A 373 15.75 -3.12 15.62
C ILE A 373 16.86 -3.84 14.88
N HIS A 374 16.58 -5.07 14.48
CA HIS A 374 17.55 -5.85 13.71
C HIS A 374 17.96 -5.21 12.39
N GLY A 375 17.06 -4.43 11.80
CA GLY A 375 17.31 -3.81 10.51
C GLY A 375 18.17 -2.57 10.67
N LEU A 376 18.46 -2.22 11.93
CA LEU A 376 19.29 -1.05 12.22
C LEU A 376 20.73 -1.48 12.52
N LYS A 377 21.00 -2.78 12.39
CA LYS A 377 22.31 -3.30 12.77
CA LYS A 377 22.31 -3.30 12.76
C LYS A 377 22.81 -4.34 11.79
N ALA A 378 24.12 -4.55 11.78
CA ALA A 378 24.79 -5.47 10.87
C ALA A 378 24.13 -6.84 10.78
N SER A 379 24.02 -7.34 9.55
CA SER A 379 23.47 -8.66 9.29
C SER A 379 24.52 -9.57 8.68
N ASP A 380 24.64 -10.79 9.21
CA ASP A 380 25.56 -11.80 8.68
C ASP A 380 25.70 -11.71 7.16
N GLY A 383 27.38 -8.91 6.33
CA GLY A 383 26.77 -7.83 5.57
C GLY A 383 26.47 -6.59 6.39
N PRO A 384 26.49 -5.41 5.74
CA PRO A 384 26.03 -4.18 6.39
C PRO A 384 24.58 -4.30 6.83
N LEU A 385 24.16 -3.39 7.72
CA LEU A 385 22.78 -3.39 8.20
C LEU A 385 21.82 -3.35 7.01
N ILE A 386 20.67 -4.00 7.16
CA ILE A 386 19.73 -4.14 6.06
C ILE A 386 18.99 -2.85 5.71
N ASN A 387 18.44 -2.15 6.70
CA ASN A 387 17.46 -1.10 6.40
C ASN A 387 17.97 0.34 6.63
N SER A 388 17.40 1.05 7.58
CA SER A 388 17.69 2.48 7.77
C SER A 388 19.12 2.80 8.24
N ARG A 389 19.93 3.40 7.39
CA ARG A 389 21.28 3.83 7.84
C ARG A 389 21.23 5.07 8.74
N THR A 390 20.12 5.81 8.70
CA THR A 390 19.97 7.00 9.51
C THR A 390 19.33 6.74 10.86
N GLY A 391 18.90 5.50 11.09
CA GLY A 391 18.43 5.11 12.41
C GLY A 391 16.94 5.15 12.66
N SER A 392 16.11 5.12 11.61
CA SER A 392 14.65 5.18 11.81
C SER A 392 13.96 3.82 11.60
N ILE A 393 12.80 3.68 12.25
CA ILE A 393 11.91 2.55 11.99
C ILE A 393 10.64 3.15 11.36
N TYR A 394 10.21 2.55 10.25
CA TYR A 394 9.17 3.18 9.45
C TYR A 394 7.89 2.36 9.53
N ILE A 395 6.89 2.92 10.20
CA ILE A 395 5.62 2.23 10.42
C ILE A 395 4.42 2.93 9.79
N VAL A 396 3.71 2.22 8.91
CA VAL A 396 2.49 2.76 8.33
C VAL A 396 1.34 2.46 9.29
N LYS A 397 0.59 3.50 9.66
CA LYS A 397 -0.55 3.30 10.56
C LYS A 397 -1.83 3.61 9.81
N PRO A 398 -2.65 2.57 9.56
CA PRO A 398 -3.85 2.76 8.75
C PRO A 398 -5.11 3.06 9.57
N LYS A 399 -6.15 3.48 8.86
CA LYS A 399 -7.51 3.55 9.39
C LYS A 399 -7.72 4.42 10.63
N MET A 400 -6.92 5.47 10.78
CA MET A 400 -7.15 6.39 11.90
C MET A 400 -8.26 7.38 11.56
N HIS A 401 -9.05 7.76 12.57
CA HIS A 401 -10.11 8.75 12.39
C HIS A 401 -9.85 9.99 13.23
N GLY A 402 -9.24 11.02 12.63
CA GLY A 402 -9.07 12.29 13.33
C GLY A 402 -7.81 12.42 14.18
N PRO A 403 -7.51 13.64 14.62
CA PRO A 403 -6.25 13.99 15.29
C PRO A 403 -6.02 13.30 16.64
N ALA A 404 -7.10 13.03 17.37
CA ALA A 404 -6.93 12.40 18.67
C ALA A 404 -6.38 10.99 18.48
N GLU A 405 -6.82 10.32 17.42
CA GLU A 405 -6.34 8.97 17.12
C GLU A 405 -4.88 8.98 16.65
N VAL A 406 -4.47 10.03 15.95
CA VAL A 406 -3.05 10.17 15.63
C VAL A 406 -2.23 10.43 16.90
N ALA A 407 -2.72 11.34 17.74
CA ALA A 407 -2.05 11.59 19.02
C ALA A 407 -1.87 10.29 19.81
N PHE A 408 -2.87 9.41 19.77
CA PHE A 408 -2.77 8.13 20.47
C PHE A 408 -1.66 7.26 19.89
N THR A 409 -1.59 7.16 18.56
CA THR A 409 -0.54 6.39 17.92
C THR A 409 0.83 6.93 18.33
N CYS A 410 0.96 8.24 18.39
CA CYS A 410 2.24 8.83 18.81
CA CYS A 410 2.21 8.88 18.82
C CYS A 410 2.58 8.45 20.24
N GLU A 411 1.60 8.46 21.13
CA GLU A 411 1.85 8.09 22.52
C GLU A 411 2.22 6.61 22.65
N LEU A 412 1.56 5.76 21.87
CA LEU A 412 1.88 4.34 21.85
C LEU A 412 3.33 4.10 21.39
N PHE A 413 3.72 4.79 20.32
CA PHE A 413 5.09 4.61 19.81
C PHE A 413 6.12 5.08 20.85
N SER A 414 5.81 6.18 21.52
CA SER A 414 6.66 6.72 22.58
C SER A 414 6.85 5.71 23.71
N ARG A 415 5.74 5.12 24.17
CA ARG A 415 5.82 4.09 25.20
C ARG A 415 6.59 2.85 24.74
N VAL A 416 6.43 2.49 23.48
CA VAL A 416 7.11 1.33 22.95
C VAL A 416 8.63 1.60 22.88
N GLU A 417 8.99 2.82 22.49
CA GLU A 417 10.39 3.18 22.41
C GLU A 417 11.06 3.03 23.77
N ASP A 418 10.37 3.47 24.82
CA ASP A 418 10.85 3.28 26.19
C ASP A 418 11.05 1.81 26.52
N VAL A 419 10.08 0.97 26.18
CA VAL A 419 10.20 -0.45 26.45
C VAL A 419 11.38 -1.07 25.68
N LEU A 420 11.62 -0.59 24.47
CA LEU A 420 12.65 -1.19 23.64
C LEU A 420 14.02 -0.55 23.84
N GLY A 421 14.06 0.49 24.67
CA GLY A 421 15.31 1.20 24.93
C GLY A 421 15.82 1.96 23.72
N LEU A 422 14.90 2.39 22.86
CA LEU A 422 15.25 3.18 21.68
C LEU A 422 15.12 4.66 21.98
N PRO A 423 15.86 5.50 21.25
CA PRO A 423 15.71 6.95 21.35
C PRO A 423 14.27 7.33 21.03
N GLN A 424 13.73 8.32 21.72
CA GLN A 424 12.41 8.82 21.38
C GLN A 424 12.40 9.22 19.90
N ASN A 425 11.26 9.00 19.24
CA ASN A 425 11.04 9.36 17.83
C ASN A 425 11.78 8.50 16.81
N THR A 426 12.38 7.41 17.25
CA THR A 426 12.93 6.42 16.34
C THR A 426 11.84 5.88 15.42
N MET A 427 10.68 5.60 16.02
CA MET A 427 9.57 5.01 15.28
C MET A 427 8.77 6.09 14.55
N LYS A 428 8.94 6.14 13.23
CA LYS A 428 8.31 7.14 12.40
C LYS A 428 6.93 6.64 11.91
N ILE A 429 6.09 7.56 11.45
CA ILE A 429 4.74 7.16 11.05
CA ILE A 429 4.71 7.21 11.07
C ILE A 429 4.35 7.61 9.65
N GLY A 430 3.91 6.64 8.84
CA GLY A 430 3.33 6.93 7.55
C GLY A 430 1.84 6.98 7.78
N ILE A 431 1.26 8.17 7.67
CA ILE A 431 -0.16 8.37 7.96
C ILE A 431 -1.04 8.06 6.75
N MET A 432 -1.92 7.07 6.87
CA MET A 432 -2.93 6.87 5.82
C MET A 432 -4.05 7.90 6.03
N ASP A 433 -4.36 8.65 4.98
CA ASP A 433 -5.53 9.51 4.94
C ASP A 433 -6.58 8.68 4.20
N GLU A 434 -7.34 7.88 4.95
CA GLU A 434 -8.25 6.91 4.35
C GLU A 434 -9.58 6.79 5.10
N GLU A 435 -9.86 7.78 5.93
CA GLU A 435 -11.12 7.89 6.67
C GLU A 435 -11.56 9.36 6.66
N ARG A 436 -12.85 9.60 6.54
CA ARG A 436 -13.39 10.95 6.36
C ARG A 436 -13.02 11.90 7.50
N ARG A 437 -13.07 11.42 8.73
CA ARG A 437 -12.77 12.29 9.87
C ARG A 437 -11.28 12.68 9.93
N THR A 438 -10.44 11.92 9.23
CA THR A 438 -9.04 12.34 9.04
C THR A 438 -8.93 13.36 7.89
N THR A 439 -9.51 13.03 6.74
CA THR A 439 -9.55 13.95 5.61
C THR A 439 -9.92 15.38 6.01
N VAL A 440 -11.06 15.55 6.67
CA VAL A 440 -11.57 16.89 7.00
C VAL A 440 -10.82 17.58 8.14
N ASN A 441 -9.93 16.85 8.81
CA ASN A 441 -9.10 17.39 9.87
C ASN A 441 -7.63 17.14 9.57
N LEU A 442 -7.27 17.06 8.29
CA LEU A 442 -5.97 16.51 7.92
C LEU A 442 -4.81 17.34 8.51
N LYS A 443 -4.90 18.66 8.43
CA LYS A 443 -3.83 19.50 8.96
C LYS A 443 -3.56 19.20 10.43
N ALA A 444 -4.62 19.05 11.22
CA ALA A 444 -4.48 18.74 12.64
C ALA A 444 -3.91 17.35 12.86
N CYS A 445 -4.26 16.41 11.98
CA CYS A 445 -3.70 15.07 12.08
C CYS A 445 -2.19 15.07 11.83
N ILE A 446 -1.74 15.84 10.84
CA ILE A 446 -0.30 15.90 10.55
C ILE A 446 0.41 16.56 11.74
N LYS A 447 -0.21 17.59 12.28
CA LYS A 447 0.38 18.33 13.39
CA LYS A 447 0.38 18.33 13.39
C LYS A 447 0.54 17.46 14.62
N ALA A 448 -0.43 16.57 14.86
CA ALA A 448 -0.35 15.69 16.01
C ALA A 448 0.85 14.77 15.92
N ALA A 449 1.35 14.55 14.69
CA ALA A 449 2.52 13.70 14.49
C ALA A 449 3.68 14.47 13.87
N ALA A 450 3.80 15.75 14.21
CA ALA A 450 4.69 16.65 13.49
C ALA A 450 6.17 16.25 13.55
N ASP A 451 6.56 15.53 14.60
CA ASP A 451 7.95 15.08 14.71
C ASP A 451 8.15 13.60 14.38
N ARG A 452 7.08 12.92 13.94
CA ARG A 452 7.22 11.51 13.55
C ARG A 452 6.82 11.22 12.08
N VAL A 453 6.03 12.10 11.46
CA VAL A 453 5.41 11.77 10.19
C VAL A 453 6.42 11.67 9.04
N VAL A 454 6.37 10.58 8.29
CA VAL A 454 7.23 10.43 7.11
C VAL A 454 6.44 10.35 5.81
N PHE A 455 5.12 10.12 5.91
CA PHE A 455 4.27 10.32 4.73
C PHE A 455 2.83 10.56 5.09
N ILE A 456 2.11 11.15 4.14
CA ILE A 456 0.66 10.99 4.10
C ILE A 456 0.32 10.30 2.80
N ASN A 457 -0.76 9.52 2.80
CA ASN A 457 -1.13 8.83 1.58
C ASN A 457 -2.65 8.69 1.48
N THR A 458 -3.19 8.97 0.31
CA THR A 458 -4.62 8.82 0.11
C THR A 458 -4.99 7.35 -0.17
N GLY A 459 -5.41 6.65 0.86
CA GLY A 459 -5.90 5.30 0.72
C GLY A 459 -7.33 5.39 0.24
N PHE A 460 -7.47 5.61 -1.07
CA PHE A 460 -8.76 6.01 -1.64
C PHE A 460 -9.82 4.92 -1.56
N LEU A 461 -9.39 3.67 -1.43
CA LEU A 461 -10.36 2.57 -1.40
C LEU A 461 -11.04 2.52 -0.04
N ASP A 462 -10.23 2.46 1.02
CA ASP A 462 -10.80 2.58 2.36
C ASP A 462 -11.61 3.87 2.49
N ARG A 463 -11.09 4.95 1.93
CA ARG A 463 -11.73 6.25 2.10
C ARG A 463 -13.13 6.25 1.46
N THR A 464 -13.26 5.51 0.37
CA THR A 464 -14.54 5.32 -0.32
C THR A 464 -15.49 4.49 0.53
N GLY A 465 -14.97 3.42 1.13
CA GLY A 465 -15.80 2.65 2.06
C GLY A 465 -16.33 3.51 3.21
N ASP A 466 -15.47 4.34 3.77
CA ASP A 466 -15.89 5.20 4.87
C ASP A 466 -16.87 6.27 4.39
N GLU A 467 -16.72 6.71 3.14
CA GLU A 467 -17.68 7.67 2.59
C GLU A 467 -19.08 7.04 2.57
N ILE A 468 -19.18 5.82 2.07
CA ILE A 468 -20.46 5.14 1.99
C ILE A 468 -21.04 4.93 3.39
N HIS A 469 -20.23 4.41 4.31
CA HIS A 469 -20.77 4.11 5.64
C HIS A 469 -21.18 5.36 6.42
N THR A 470 -20.37 6.42 6.36
CA THR A 470 -20.67 7.62 7.14
C THR A 470 -22.03 8.21 6.76
N SER A 471 -22.34 8.16 5.48
CA SER A 471 -23.58 8.76 5.00
C SER A 471 -24.63 7.71 4.64
N MET A 472 -24.50 6.53 5.22
CA MET A 472 -25.36 5.38 4.94
C MET A 472 -26.85 5.75 4.95
N GLU A 473 -27.25 6.56 5.93
CA GLU A 473 -28.66 6.87 6.14
C GLU A 473 -29.17 7.99 5.23
N ALA A 474 -28.25 8.65 4.52
CA ALA A 474 -28.62 9.81 3.70
C ALA A 474 -29.44 9.45 2.46
N GLY A 475 -29.17 8.28 1.88
CA GLY A 475 -29.84 7.86 0.66
C GLY A 475 -28.99 6.87 -0.11
N PRO A 476 -29.48 6.39 -1.27
CA PRO A 476 -28.70 5.49 -2.11
C PRO A 476 -27.53 6.22 -2.74
N MET A 477 -26.38 5.56 -2.76
CA MET A 477 -25.16 6.13 -3.32
C MET A 477 -25.04 5.74 -4.78
N VAL A 478 -24.20 6.49 -5.51
CA VAL A 478 -23.90 6.14 -6.90
C VAL A 478 -23.20 4.78 -6.97
N ARG A 479 -23.26 4.17 -8.15
CA ARG A 479 -22.53 2.94 -8.42
C ARG A 479 -21.03 3.06 -8.10
N LYS A 480 -20.45 1.93 -7.74
CA LYS A 480 -19.06 1.87 -7.30
C LYS A 480 -18.11 2.52 -8.32
N GLY A 481 -18.32 2.18 -9.58
CA GLY A 481 -17.47 2.67 -10.65
C GLY A 481 -17.58 4.16 -10.92
N THR A 482 -18.61 4.79 -10.36
CA THR A 482 -18.83 6.23 -10.51
C THR A 482 -18.05 7.00 -9.45
N MET A 483 -17.68 6.33 -8.37
CA MET A 483 -17.08 7.01 -7.23
C MET A 483 -15.81 7.78 -7.58
N LYS A 484 -14.97 7.20 -8.44
CA LYS A 484 -13.65 7.76 -8.75
C LYS A 484 -13.75 9.16 -9.36
N SER A 485 -14.91 9.53 -9.88
CA SER A 485 -15.07 10.85 -10.48
C SER A 485 -16.03 11.77 -9.70
N GLN A 486 -16.40 11.37 -8.49
CA GLN A 486 -17.29 12.19 -7.67
C GLN A 486 -16.56 13.40 -7.10
N PRO A 487 -17.27 14.51 -6.95
CA PRO A 487 -16.66 15.71 -6.36
C PRO A 487 -15.89 15.47 -5.06
N TRP A 488 -16.41 14.66 -4.14
CA TRP A 488 -15.74 14.47 -2.85
C TRP A 488 -14.33 13.88 -3.00
N ILE A 489 -14.17 12.93 -3.91
CA ILE A 489 -12.90 12.21 -4.01
C ILE A 489 -11.86 13.08 -4.72
N LEU A 490 -12.32 13.90 -5.66
CA LEU A 490 -11.40 14.77 -6.35
C LEU A 490 -10.91 15.83 -5.37
N ALA A 491 -11.80 16.33 -4.52
CA ALA A 491 -11.40 17.33 -3.51
C ALA A 491 -10.46 16.70 -2.48
N TYR A 492 -10.79 15.47 -2.07
CA TYR A 492 -9.96 14.72 -1.14
C TYR A 492 -8.51 14.56 -1.62
N GLU A 493 -8.34 14.15 -2.88
CA GLU A 493 -6.98 14.00 -3.43
C GLU A 493 -6.18 15.32 -3.43
N ASP A 494 -6.79 16.41 -3.88
CA ASP A 494 -6.07 17.69 -3.96
C ASP A 494 -5.80 18.24 -2.56
N HIS A 495 -6.79 18.10 -1.68
CA HIS A 495 -6.70 18.54 -0.27
C HIS A 495 -5.52 17.88 0.44
N ASN A 496 -5.32 16.61 0.15
CA ASN A 496 -4.23 15.87 0.76
C ASN A 496 -2.88 16.45 0.33
N VAL A 497 -2.70 16.62 -0.97
CA VAL A 497 -1.47 17.24 -1.47
C VAL A 497 -1.26 18.63 -0.89
N ASP A 498 -2.30 19.45 -0.88
CA ASP A 498 -2.20 20.81 -0.34
C ASP A 498 -1.71 20.81 1.11
N ALA A 499 -2.28 19.93 1.93
CA ALA A 499 -1.95 19.93 3.35
C ALA A 499 -0.50 19.49 3.56
N GLY A 500 -0.07 18.49 2.80
CA GLY A 500 1.29 18.00 2.89
C GLY A 500 2.27 19.09 2.49
N LEU A 501 2.03 19.73 1.35
CA LEU A 501 2.97 20.75 0.90
C LEU A 501 3.01 21.92 1.87
N ALA A 502 1.85 22.27 2.40
CA ALA A 502 1.74 23.39 3.34
C ALA A 502 2.47 23.10 4.66
N ALA A 503 2.54 21.82 5.02
CA ALA A 503 3.24 21.37 6.24
C ALA A 503 4.74 21.17 5.98
N GLY A 504 5.20 21.58 4.80
CA GLY A 504 6.61 21.48 4.46
C GLY A 504 7.11 20.10 4.05
N PHE A 505 6.24 19.28 3.45
CA PHE A 505 6.64 17.93 3.06
C PHE A 505 7.74 17.90 1.98
N SER A 506 7.73 18.84 1.05
CA SER A 506 8.76 18.84 0.00
C SER A 506 10.14 18.82 0.62
N GLY A 507 10.93 17.81 0.26
CA GLY A 507 12.26 17.62 0.81
C GLY A 507 12.31 16.96 2.18
N ARG A 508 11.15 16.63 2.77
CA ARG A 508 11.13 16.09 4.12
C ARG A 508 10.30 14.81 4.29
N ALA A 509 9.25 14.66 3.49
CA ALA A 509 8.32 13.54 3.67
C ALA A 509 7.55 13.27 2.37
N GLN A 510 7.12 12.02 2.18
CA GLN A 510 6.40 11.62 0.98
C GLN A 510 4.97 12.13 0.97
N VAL A 511 4.51 12.55 -0.21
CA VAL A 511 3.10 12.81 -0.46
C VAL A 511 2.69 11.70 -1.41
N GLY A 512 1.92 10.74 -0.91
CA GLY A 512 1.67 9.53 -1.68
C GLY A 512 0.23 9.37 -2.15
N LYS A 513 0.04 8.64 -3.24
CA LYS A 513 -1.32 8.32 -3.65
C LYS A 513 -1.48 6.81 -3.87
N GLY A 514 -2.69 6.40 -4.27
CA GLY A 514 -3.12 5.02 -4.07
C GLY A 514 -2.79 3.97 -5.11
N MET A 515 -3.38 2.79 -4.89
CA MET A 515 -3.01 1.55 -5.57
C MET A 515 -3.65 1.38 -6.92
N TRP A 516 -2.87 0.87 -7.87
CA TRP A 516 -3.40 0.40 -9.15
C TRP A 516 -3.75 -1.07 -9.00
N THR A 517 -5.03 -1.41 -9.12
CA THR A 517 -5.47 -2.77 -8.84
C THR A 517 -5.61 -3.70 -10.06
N MET A 518 -5.58 -3.14 -11.27
CA MET A 518 -5.77 -3.95 -12.47
CA MET A 518 -5.77 -3.95 -12.47
C MET A 518 -4.44 -4.54 -12.91
N THR A 519 -4.07 -5.66 -12.31
CA THR A 519 -2.71 -6.19 -12.44
C THR A 519 -2.25 -6.58 -13.84
N GLU A 520 -3.19 -6.87 -14.73
CA GLU A 520 -2.80 -7.25 -16.08
C GLU A 520 -2.94 -6.11 -17.08
N LEU A 521 -3.50 -4.98 -16.64
CA LEU A 521 -3.69 -3.84 -17.52
C LEU A 521 -2.54 -2.86 -17.40
N MET A 522 -1.37 -3.28 -17.86
CA MET A 522 -0.16 -2.48 -17.72
C MET A 522 -0.06 -1.35 -18.74
N ALA A 523 -0.55 -1.59 -19.96
CA ALA A 523 -0.64 -0.51 -20.94
C ALA A 523 -1.47 0.62 -20.38
N ASP A 524 -2.64 0.25 -19.84
CA ASP A 524 -3.52 1.22 -19.21
C ASP A 524 -2.82 1.93 -18.03
N MET A 525 -2.11 1.17 -17.20
CA MET A 525 -1.41 1.80 -16.08
C MET A 525 -0.40 2.84 -16.57
N VAL A 526 0.34 2.50 -17.60
CA VAL A 526 1.38 3.39 -18.10
C VAL A 526 0.74 4.66 -18.71
N GLU A 527 -0.45 4.50 -19.30
CA GLU A 527 -1.15 5.64 -19.88
CA GLU A 527 -1.15 5.63 -19.88
C GLU A 527 -1.76 6.55 -18.81
N THR A 528 -2.33 5.97 -17.77
CA THR A 528 -3.11 6.79 -16.84
C THR A 528 -2.49 7.19 -15.49
N LYS A 529 -1.66 6.32 -14.91
CA LYS A 529 -1.16 6.53 -13.54
C LYS A 529 -0.17 7.70 -13.47
N ILE A 530 0.25 8.19 -14.64
CA ILE A 530 1.10 9.38 -14.70
C ILE A 530 0.39 10.58 -14.08
N ALA A 531 -0.93 10.50 -13.97
CA ALA A 531 -1.70 11.56 -13.33
C ALA A 531 -1.26 11.79 -11.89
N GLN A 532 -0.76 10.75 -11.23
CA GLN A 532 -0.43 10.89 -9.82
C GLN A 532 0.80 11.77 -9.56
N PRO A 533 1.92 11.47 -10.21
CA PRO A 533 3.02 12.43 -10.05
C PRO A 533 2.70 13.80 -10.68
N ARG A 534 1.87 13.85 -11.72
CA ARG A 534 1.52 15.16 -12.27
C ARG A 534 0.72 15.97 -11.26
N ALA A 535 0.13 15.27 -10.30
CA ALA A 535 -0.63 15.92 -9.24
C ALA A 535 0.24 16.26 -8.03
N GLY A 536 1.54 16.03 -8.15
CA GLY A 536 2.47 16.43 -7.13
C GLY A 536 2.76 15.36 -6.08
N ALA A 537 2.30 14.14 -6.34
CA ALA A 537 2.61 13.03 -5.43
C ALA A 537 4.04 12.54 -5.63
N SER A 538 4.82 12.45 -4.56
CA SER A 538 6.19 11.97 -4.68
C SER A 538 6.31 10.45 -4.63
N THR A 539 5.18 9.77 -4.45
CA THR A 539 5.13 8.32 -4.53
C THR A 539 3.67 7.89 -4.75
N ALA A 540 3.48 6.67 -5.25
CA ALA A 540 2.14 6.09 -5.35
C ALA A 540 2.27 4.58 -5.37
N TRP A 541 1.17 3.88 -5.08
CA TRP A 541 1.27 2.46 -4.81
C TRP A 541 1.16 1.59 -6.05
N VAL A 542 2.04 0.59 -6.13
CA VAL A 542 1.96 -0.42 -7.19
C VAL A 542 1.80 -1.80 -6.57
N PRO A 543 1.22 -2.75 -7.32
CA PRO A 543 0.91 -4.09 -6.80
C PRO A 543 1.97 -5.17 -7.04
N SER A 544 3.00 -4.90 -7.83
CA SER A 544 4.00 -5.92 -8.13
C SER A 544 5.33 -5.27 -8.53
N PRO A 545 6.41 -6.05 -8.47
CA PRO A 545 7.70 -5.49 -8.94
C PRO A 545 7.63 -5.08 -10.40
N THR A 546 6.92 -5.83 -11.24
CA THR A 546 6.77 -5.42 -12.64
C THR A 546 6.07 -4.07 -12.76
N ALA A 547 5.01 -3.88 -11.99
CA ALA A 547 4.30 -2.61 -12.04
C ALA A 547 5.18 -1.48 -11.50
N ALA A 548 6.04 -1.78 -10.53
CA ALA A 548 6.96 -0.77 -10.02
C ALA A 548 7.91 -0.25 -11.12
N THR A 549 8.46 -1.17 -11.90
CA THR A 549 9.37 -0.82 -12.98
C THR A 549 8.66 0.06 -14.01
N LEU A 550 7.41 -0.29 -14.34
CA LEU A 550 6.68 0.49 -15.32
C LEU A 550 6.21 1.85 -14.76
N HIS A 551 5.82 1.88 -13.51
CA HIS A 551 5.43 3.15 -12.89
C HIS A 551 6.65 4.12 -12.76
N ALA A 552 7.87 3.58 -12.68
CA ALA A 552 9.07 4.40 -12.62
C ALA A 552 9.19 5.30 -13.86
N LEU A 553 8.74 4.80 -14.99
CA LEU A 553 8.71 5.62 -16.21
C LEU A 553 8.08 6.99 -15.98
N HIS A 554 7.05 7.04 -15.15
CA HIS A 554 6.31 8.27 -14.94
C HIS A 554 7.15 9.33 -14.24
N TYR A 555 8.01 8.89 -13.32
CA TYR A 555 8.84 9.81 -12.54
C TYR A 555 9.99 10.37 -13.39
N HIS A 556 10.29 9.70 -14.49
CA HIS A 556 11.28 10.22 -15.44
C HIS A 556 10.67 11.27 -16.35
N GLN A 557 9.37 11.13 -16.61
CA GLN A 557 8.66 12.05 -17.46
CA GLN A 557 8.66 12.05 -17.46
C GLN A 557 8.22 13.29 -16.69
N VAL A 558 7.81 13.10 -15.44
CA VAL A 558 7.32 14.20 -14.63
C VAL A 558 8.35 14.57 -13.57
N ASP A 559 8.62 15.86 -13.45
CA ASP A 559 9.53 16.39 -12.44
C ASP A 559 8.69 16.77 -11.21
N VAL A 560 8.45 15.79 -10.35
CA VAL A 560 7.60 15.99 -9.18
C VAL A 560 8.10 17.14 -8.29
N ALA A 561 9.41 17.26 -8.12
CA ALA A 561 9.95 18.35 -7.31
C ALA A 561 9.50 19.70 -7.84
N ALA A 562 9.60 19.90 -9.17
CA ALA A 562 9.08 21.13 -9.79
C ALA A 562 7.58 21.26 -9.64
N VAL A 563 6.85 20.15 -9.82
CA VAL A 563 5.39 20.22 -9.69
C VAL A 563 5.01 20.68 -8.28
N GLN A 564 5.64 20.08 -7.27
CA GLN A 564 5.37 20.46 -5.90
C GLN A 564 5.68 21.94 -5.63
N GLN A 565 6.78 22.43 -6.19
CA GLN A 565 7.13 23.83 -5.98
C GLN A 565 6.05 24.73 -6.56
N GLY A 566 5.53 24.34 -7.71
CA GLY A 566 4.47 25.09 -8.37
C GLY A 566 3.15 25.08 -7.63
N LEU A 567 2.90 24.05 -6.84
CA LEU A 567 1.61 23.90 -6.16
C LEU A 567 1.61 24.61 -4.81
N ALA A 568 2.79 24.98 -4.34
CA ALA A 568 2.95 25.57 -3.01
C ALA A 568 2.01 26.76 -2.75
N GLY A 569 1.34 26.72 -1.61
CA GLY A 569 0.55 27.85 -1.16
C GLY A 569 -0.85 27.92 -1.71
N LYS A 570 -1.22 26.95 -2.54
CA LYS A 570 -2.56 26.90 -3.11
C LYS A 570 -3.55 26.17 -2.21
N ARG A 571 -4.80 26.65 -2.21
CA ARG A 571 -5.88 25.95 -1.52
CA ARG A 571 -5.90 25.99 -1.51
CA ARG A 571 -5.89 25.98 -1.51
C ARG A 571 -6.95 25.56 -2.53
N ARG A 572 -6.84 24.34 -3.02
CA ARG A 572 -7.66 23.91 -4.14
C ARG A 572 -8.93 23.12 -3.80
N ALA A 573 -9.18 22.88 -2.52
CA ALA A 573 -10.41 22.21 -2.10
C ALA A 573 -11.06 22.96 -0.94
N THR A 574 -12.37 23.09 -0.97
CA THR A 574 -13.07 23.70 0.15
C THR A 574 -13.64 22.60 1.03
N ILE A 575 -13.91 22.94 2.28
CA ILE A 575 -14.59 22.02 3.17
C ILE A 575 -15.93 21.58 2.56
N GLU A 576 -16.64 22.51 1.91
CA GLU A 576 -17.90 22.13 1.27
C GLU A 576 -17.70 21.03 0.23
N GLN A 577 -16.61 21.13 -0.52
CA GLN A 577 -16.37 20.15 -1.55
C GLN A 577 -16.04 18.79 -0.93
N LEU A 578 -15.23 18.81 0.13
CA LEU A 578 -14.87 17.57 0.81
C LEU A 578 -16.11 16.86 1.31
N LEU A 579 -17.10 17.65 1.73
CA LEU A 579 -18.29 17.11 2.38
C LEU A 579 -19.44 16.78 1.42
N THR A 580 -19.17 16.80 0.12
CA THR A 580 -20.22 16.50 -0.85
C THR A 580 -20.51 15.00 -0.96
N ILE A 581 -21.62 14.59 -0.36
CA ILE A 581 -22.00 13.18 -0.28
C ILE A 581 -22.41 12.61 -1.65
N PRO A 582 -21.81 11.49 -2.06
CA PRO A 582 -22.09 10.95 -3.40
C PRO A 582 -23.45 10.27 -3.55
N LEU A 583 -24.53 10.99 -3.22
CA LEU A 583 -25.89 10.47 -3.41
C LEU A 583 -26.24 10.33 -4.89
N ALA A 584 -26.99 9.29 -5.23
CA ALA A 584 -27.43 9.09 -6.60
C ALA A 584 -28.68 9.94 -6.88
N LYS A 585 -28.93 10.22 -8.16
CA LYS A 585 -30.14 10.95 -8.56
C LYS A 585 -31.34 10.01 -8.62
N GLU A 586 -32.52 10.59 -8.47
CA GLU A 586 -33.77 9.85 -8.62
C GLU A 586 -33.78 9.13 -9.95
N LEU A 587 -34.23 7.88 -9.95
CA LEU A 587 -34.45 7.13 -11.18
C LEU A 587 -33.16 6.97 -11.99
N ALA A 588 -32.03 6.89 -11.31
CA ALA A 588 -30.74 6.87 -12.00
C ALA A 588 -30.50 5.62 -12.85
N TRP A 589 -31.18 4.51 -12.56
CA TRP A 589 -30.77 3.23 -13.15
C TRP A 589 -31.88 2.36 -13.74
N ALA A 590 -31.63 1.87 -14.96
CA ALA A 590 -32.47 0.83 -15.53
C ALA A 590 -32.19 -0.47 -14.80
N PRO A 591 -33.13 -1.42 -14.88
CA PRO A 591 -32.97 -2.71 -14.18
C PRO A 591 -31.68 -3.44 -14.55
N ASP A 592 -31.30 -3.41 -15.82
CA ASP A 592 -30.08 -4.10 -16.24
C ASP A 592 -28.84 -3.50 -15.57
N GLU A 593 -28.88 -2.20 -15.32
CA GLU A 593 -27.76 -1.53 -14.67
C GLU A 593 -27.67 -1.93 -13.20
N ILE A 594 -28.82 -1.98 -12.52
CA ILE A 594 -28.84 -2.36 -11.11
C ILE A 594 -28.36 -3.80 -10.98
N ARG A 595 -28.82 -4.65 -11.90
CA ARG A 595 -28.45 -6.06 -11.92
C ARG A 595 -26.95 -6.24 -12.07
N GLU A 596 -26.34 -5.48 -12.99
CA GLU A 596 -24.90 -5.55 -13.23
C GLU A 596 -24.11 -5.15 -11.98
N GLU A 597 -24.56 -4.09 -11.32
CA GLU A 597 -23.89 -3.62 -10.11
C GLU A 597 -23.97 -4.69 -9.02
N VAL A 598 -25.14 -5.28 -8.86
CA VAL A 598 -25.30 -6.31 -7.85
C VAL A 598 -24.42 -7.53 -8.15
N ASP A 599 -24.52 -8.06 -9.36
CA ASP A 599 -23.75 -9.24 -9.72
C ASP A 599 -22.24 -9.00 -9.65
N ASN A 600 -21.81 -7.82 -10.08
CA ASN A 600 -20.38 -7.48 -10.06
C ASN A 600 -19.87 -7.45 -8.63
N ASN A 601 -20.61 -6.77 -7.75
CA ASN A 601 -20.21 -6.71 -6.35
C ASN A 601 -20.22 -8.06 -5.66
N CYS A 602 -21.23 -8.88 -5.92
CA CYS A 602 -21.30 -10.19 -5.27
C CYS A 602 -20.17 -11.09 -5.75
N GLN A 603 -19.87 -11.00 -7.04
CA GLN A 603 -18.81 -11.81 -7.62
C GLN A 603 -17.47 -11.45 -6.97
N SER A 604 -17.19 -10.16 -6.88
CA SER A 604 -15.92 -9.72 -6.29
C SER A 604 -15.86 -10.01 -4.80
N ILE A 605 -16.99 -9.88 -4.10
CA ILE A 605 -17.03 -10.21 -2.68
C ILE A 605 -16.77 -11.70 -2.48
N LEU A 606 -17.50 -12.55 -3.20
CA LEU A 606 -17.35 -14.00 -3.01
C LEU A 606 -15.97 -14.48 -3.41
N GLY A 607 -15.42 -13.92 -4.49
CA GLY A 607 -14.13 -14.32 -4.98
C GLY A 607 -13.03 -14.07 -3.96
N TYR A 608 -13.14 -12.94 -3.26
CA TYR A 608 -12.14 -12.55 -2.28
C TYR A 608 -12.34 -13.30 -0.98
N VAL A 609 -13.59 -13.32 -0.51
CA VAL A 609 -13.94 -13.90 0.79
C VAL A 609 -13.74 -15.41 0.86
N VAL A 610 -14.01 -16.13 -0.24
CA VAL A 610 -13.83 -17.58 -0.21
C VAL A 610 -12.37 -17.98 0.06
N ARG A 611 -11.41 -17.25 -0.50
CA ARG A 611 -10.00 -17.56 -0.26
C ARG A 611 -9.53 -17.04 1.11
N TRP A 612 -10.14 -15.96 1.59
CA TRP A 612 -9.85 -15.42 2.91
C TRP A 612 -10.21 -16.43 3.99
N VAL A 613 -11.47 -16.85 3.97
CA VAL A 613 -12.02 -17.71 5.03
C VAL A 613 -11.51 -19.15 5.00
N ASP A 614 -11.48 -19.76 3.82
CA ASP A 614 -11.12 -21.17 3.68
C ASP A 614 -9.61 -21.42 3.57
N GLN A 615 -8.85 -20.41 3.18
CA GLN A 615 -7.41 -20.61 2.94
C GLN A 615 -6.49 -19.60 3.63
N GLY A 616 -7.08 -18.61 4.30
CA GLY A 616 -6.29 -17.61 4.97
C GLY A 616 -5.44 -16.77 4.03
N VAL A 617 -5.95 -16.52 2.83
CA VAL A 617 -5.26 -15.65 1.86
C VAL A 617 -5.89 -14.27 1.86
N GLY A 618 -5.11 -13.23 2.20
CA GLY A 618 -5.65 -11.90 2.40
C GLY A 618 -5.64 -10.96 1.20
N ALA A 619 -5.03 -11.41 0.11
CA ALA A 619 -5.09 -10.67 -1.16
C ALA A 619 -5.15 -11.67 -2.30
N SER A 620 -6.08 -11.47 -3.23
CA SER A 620 -6.29 -12.40 -4.33
C SER A 620 -6.63 -11.62 -5.61
N LYS A 621 -6.18 -12.11 -6.75
CA LYS A 621 -6.62 -11.57 -8.03
C LYS A 621 -7.99 -12.17 -8.31
N VAL A 622 -9.02 -11.32 -8.42
CA VAL A 622 -10.37 -11.81 -8.68
C VAL A 622 -10.94 -11.15 -9.94
N PRO A 623 -11.23 -11.96 -10.97
CA PRO A 623 -11.84 -11.39 -12.18
C PRO A 623 -13.19 -10.77 -11.83
N ASP A 624 -13.47 -9.58 -12.34
CA ASP A 624 -14.77 -8.98 -12.08
C ASP A 624 -15.73 -9.42 -13.18
N ILE A 625 -16.90 -8.79 -13.24
CA ILE A 625 -17.94 -9.21 -14.18
C ILE A 625 -17.54 -8.91 -15.62
N HIS A 626 -16.58 -8.02 -15.80
CA HIS A 626 -16.06 -7.72 -17.13
C HIS A 626 -14.81 -8.54 -17.44
N ASP A 627 -14.51 -9.51 -16.57
CA ASP A 627 -13.34 -10.38 -16.73
C ASP A 627 -12.04 -9.60 -16.57
N VAL A 628 -12.09 -8.51 -15.82
CA VAL A 628 -10.87 -7.77 -15.52
C VAL A 628 -10.27 -8.28 -14.23
N ALA A 629 -9.00 -8.67 -14.26
CA ALA A 629 -8.33 -9.19 -13.07
C ALA A 629 -8.04 -8.06 -12.09
N LEU A 630 -8.66 -8.11 -10.92
CA LEU A 630 -8.46 -7.08 -9.92
C LEU A 630 -7.81 -7.65 -8.67
N MET A 631 -6.75 -7.01 -8.19
CA MET A 631 -6.17 -7.40 -6.90
CA MET A 631 -6.17 -7.39 -6.91
CA MET A 631 -6.17 -7.41 -6.91
C MET A 631 -7.09 -6.93 -5.79
N GLU A 632 -7.70 -7.87 -5.10
CA GLU A 632 -8.62 -7.54 -4.02
C GLU A 632 -7.97 -7.63 -2.65
N ASP A 633 -8.31 -6.66 -1.78
CA ASP A 633 -7.88 -6.67 -0.39
CA ASP A 633 -7.89 -6.66 -0.38
C ASP A 633 -9.10 -6.28 0.46
N ARG A 634 -8.92 -6.08 1.77
CA ARG A 634 -10.08 -5.75 2.59
C ARG A 634 -10.76 -4.44 2.21
N ALA A 635 -9.98 -3.45 1.78
CA ALA A 635 -10.55 -2.16 1.42
C ALA A 635 -11.55 -2.26 0.24
N THR A 636 -11.19 -3.02 -0.79
CA THR A 636 -12.09 -3.16 -1.92
C THR A 636 -13.33 -3.94 -1.50
N LEU A 637 -13.17 -4.89 -0.60
CA LEU A 637 -14.31 -5.60 -0.01
C LEU A 637 -15.18 -4.64 0.78
N ARG A 638 -14.54 -3.73 1.51
CA ARG A 638 -15.29 -2.75 2.30
CA ARG A 638 -15.28 -2.75 2.29
C ARG A 638 -16.22 -1.95 1.40
N ILE A 639 -15.72 -1.52 0.25
CA ILE A 639 -16.53 -0.75 -0.70
C ILE A 639 -17.72 -1.59 -1.18
N SER A 640 -17.45 -2.80 -1.69
CA SER A 640 -18.49 -3.60 -2.31
C SER A 640 -19.61 -3.95 -1.33
N SER A 641 -19.22 -4.42 -0.16
CA SER A 641 -20.19 -4.81 0.86
C SER A 641 -20.99 -3.60 1.34
N GLN A 642 -20.32 -2.45 1.48
CA GLN A 642 -21.03 -1.26 1.96
C GLN A 642 -22.01 -0.73 0.90
N LEU A 643 -21.60 -0.80 -0.37
CA LEU A 643 -22.46 -0.30 -1.44
C LEU A 643 -23.75 -1.13 -1.47
N LEU A 644 -23.63 -2.45 -1.44
CA LEU A 644 -24.81 -3.30 -1.45
C LEU A 644 -25.65 -3.11 -0.19
N ALA A 645 -24.99 -2.97 0.97
CA ALA A 645 -25.68 -2.68 2.21
C ALA A 645 -26.52 -1.41 2.05
N ASN A 646 -25.92 -0.39 1.43
CA ASN A 646 -26.60 0.89 1.23
C ASN A 646 -27.79 0.81 0.27
N TRP A 647 -27.62 0.05 -0.80
CA TRP A 647 -28.70 -0.15 -1.76
C TRP A 647 -29.85 -0.94 -1.14
N LEU A 648 -29.52 -1.95 -0.34
CA LEU A 648 -30.54 -2.74 0.34
C LEU A 648 -31.29 -1.87 1.38
N ARG A 649 -30.56 -1.00 2.05
CA ARG A 649 -31.10 -0.11 3.08
C ARG A 649 -32.12 0.89 2.53
N HIS A 650 -31.94 1.26 1.27
CA HIS A 650 -32.79 2.30 0.69
C HIS A 650 -33.75 1.81 -0.40
N GLY A 651 -33.86 0.49 -0.54
CA GLY A 651 -34.86 -0.11 -1.41
C GLY A 651 -34.51 -0.19 -2.89
N VAL A 652 -33.24 0.05 -3.23
CA VAL A 652 -32.83 -0.08 -4.62
C VAL A 652 -32.91 -1.53 -5.05
N ILE A 653 -32.65 -2.42 -4.09
CA ILE A 653 -32.67 -3.84 -4.33
C ILE A 653 -33.37 -4.54 -3.16
N THR A 654 -33.78 -5.79 -3.34
CA THR A 654 -34.47 -6.51 -2.26
C THR A 654 -33.55 -7.58 -1.71
N SER A 655 -33.96 -8.18 -0.59
CA SER A 655 -33.15 -9.23 0.01
C SER A 655 -33.12 -10.48 -0.88
N ALA A 656 -34.19 -10.66 -1.67
CA ALA A 656 -34.22 -11.76 -2.64
C ALA A 656 -33.22 -11.50 -3.77
N ASP A 657 -33.07 -10.24 -4.16
CA ASP A 657 -32.10 -9.86 -5.20
C ASP A 657 -30.68 -10.24 -4.75
N VAL A 658 -30.33 -9.88 -3.52
CA VAL A 658 -29.00 -10.17 -2.96
C VAL A 658 -28.74 -11.67 -2.89
N ARG A 659 -29.66 -12.41 -2.28
CA ARG A 659 -29.48 -13.84 -2.14
C ARG A 659 -29.35 -14.49 -3.52
N ALA A 660 -30.21 -14.11 -4.45
CA ALA A 660 -30.19 -14.69 -5.79
C ALA A 660 -28.84 -14.42 -6.48
N SER A 661 -28.33 -13.22 -6.34
CA SER A 661 -27.05 -12.86 -6.95
C SER A 661 -25.92 -13.67 -6.33
N LEU A 662 -25.91 -13.77 -4.99
CA LEU A 662 -24.87 -14.56 -4.31
C LEU A 662 -24.89 -16.00 -4.82
N GLU A 663 -26.08 -16.59 -4.96
CA GLU A 663 -26.15 -17.98 -5.35
C GLU A 663 -25.76 -18.16 -6.81
N ARG A 664 -26.04 -17.12 -7.59
CA ARG A 664 -25.72 -17.15 -9.02
CA ARG A 664 -25.72 -17.12 -9.02
C ARG A 664 -24.22 -17.04 -9.25
N MET A 665 -23.56 -16.17 -8.49
CA MET A 665 -22.13 -15.94 -8.71
C MET A 665 -21.25 -17.00 -8.05
N ALA A 666 -21.74 -17.62 -6.97
CA ALA A 666 -20.93 -18.58 -6.23
C ALA A 666 -20.39 -19.75 -7.07
N PRO A 667 -21.24 -20.37 -7.90
CA PRO A 667 -20.73 -21.47 -8.74
C PRO A 667 -19.68 -20.97 -9.71
N LEU A 668 -19.79 -19.71 -10.10
CA LEU A 668 -18.84 -19.13 -11.06
C LEU A 668 -17.49 -18.95 -10.37
N VAL A 669 -17.54 -18.52 -9.11
CA VAL A 669 -16.33 -18.44 -8.30
C VAL A 669 -15.74 -19.83 -8.07
N ASP A 670 -16.59 -20.81 -7.75
CA ASP A 670 -16.15 -22.19 -7.63
C ASP A 670 -15.38 -22.61 -8.90
N ARG A 671 -15.94 -22.30 -10.06
CA ARG A 671 -15.33 -22.73 -11.32
C ARG A 671 -13.94 -22.13 -11.49
N GLN A 672 -13.82 -20.84 -11.16
CA GLN A 672 -12.56 -20.12 -11.28
C GLN A 672 -11.48 -20.65 -10.34
N ASN A 673 -11.90 -21.32 -9.26
CA ASN A 673 -10.97 -21.89 -8.29
C ASN A 673 -10.78 -23.40 -8.40
N ALA A 674 -11.38 -24.01 -9.41
CA ALA A 674 -11.39 -25.47 -9.52
C ALA A 674 -10.06 -25.99 -10.06
N ASP A 676 -7.40 -27.50 -8.11
CA ASP A 676 -6.93 -26.53 -7.12
C ASP A 676 -7.96 -26.26 -6.04
N VAL A 677 -7.91 -26.93 -4.88
CA VAL A 677 -7.02 -28.04 -4.54
C VAL A 677 -7.11 -28.13 -3.01
N ALA A 678 -6.94 -26.98 -2.38
CA ALA A 678 -7.32 -26.78 -0.99
C ALA A 678 -8.63 -26.02 -1.02
N TYR A 679 -9.19 -25.90 -2.22
CA TYR A 679 -10.44 -25.17 -2.41
C TYR A 679 -11.65 -26.06 -2.19
N ARG A 680 -12.63 -25.54 -1.48
CA ARG A 680 -13.89 -26.25 -1.24
C ARG A 680 -15.06 -25.46 -1.83
N PRO A 681 -15.78 -26.07 -2.79
CA PRO A 681 -16.90 -25.40 -3.46
C PRO A 681 -17.93 -24.88 -2.47
N MET A 682 -18.45 -23.68 -2.73
CA MET A 682 -19.52 -23.12 -1.92
C MET A 682 -20.86 -23.72 -2.32
N ALA A 683 -21.08 -23.86 -3.62
CA ALA A 683 -22.33 -24.40 -4.14
C ALA A 683 -22.27 -25.91 -4.24
N PRO A 684 -23.44 -26.59 -4.13
CA PRO A 684 -24.79 -26.02 -4.02
C PRO A 684 -25.24 -25.87 -2.57
N ASN A 685 -24.45 -26.41 -1.64
CA ASN A 685 -24.82 -26.43 -0.23
C ASN A 685 -24.43 -25.14 0.47
N PHE A 686 -25.09 -24.04 0.11
CA PHE A 686 -24.68 -22.72 0.58
C PHE A 686 -24.65 -22.58 2.10
N ASP A 687 -25.67 -23.10 2.77
CA ASP A 687 -25.72 -22.98 4.22
C ASP A 687 -24.64 -23.80 4.94
N ASP A 688 -23.98 -24.69 4.20
CA ASP A 688 -22.91 -25.50 4.78
C ASP A 688 -21.54 -24.84 4.60
N SER A 689 -21.50 -23.73 3.86
CA SER A 689 -20.25 -23.08 3.52
C SER A 689 -20.02 -21.87 4.42
N ILE A 690 -19.00 -21.95 5.28
CA ILE A 690 -18.68 -20.82 6.14
C ILE A 690 -18.28 -19.59 5.30
N ALA A 691 -17.57 -19.85 4.20
CA ALA A 691 -17.18 -18.77 3.29
C ALA A 691 -18.39 -18.06 2.68
N PHE A 692 -19.35 -18.83 2.18
CA PHE A 692 -20.57 -18.22 1.61
C PHE A 692 -21.32 -17.41 2.67
N LEU A 693 -21.42 -17.96 3.87
CA LEU A 693 -22.17 -17.27 4.93
C LEU A 693 -21.46 -16.00 5.38
N ALA A 694 -20.14 -16.02 5.31
CA ALA A 694 -19.35 -14.82 5.61
C ALA A 694 -19.66 -13.71 4.59
N ALA A 695 -19.64 -14.05 3.32
CA ALA A 695 -19.98 -13.11 2.25
C ALA A 695 -21.37 -12.53 2.46
N GLN A 696 -22.32 -13.42 2.73
CA GLN A 696 -23.69 -12.98 2.94
C GLN A 696 -23.76 -12.00 4.11
N GLU A 697 -23.07 -12.33 5.19
CA GLU A 697 -23.10 -11.56 6.44
C GLU A 697 -22.50 -10.17 6.23
N LEU A 698 -21.42 -10.09 5.47
CA LEU A 698 -20.80 -8.80 5.18
C LEU A 698 -21.80 -7.84 4.52
N ILE A 699 -22.68 -8.38 3.69
CA ILE A 699 -23.69 -7.54 3.04
C ILE A 699 -24.87 -7.28 4.00
N LEU A 700 -25.53 -8.35 4.43
CA LEU A 700 -26.75 -8.22 5.24
C LEU A 700 -26.51 -7.56 6.60
N SER A 701 -25.30 -7.69 7.14
CA SER A 701 -24.94 -7.02 8.38
C SER A 701 -24.08 -5.78 8.19
N GLY A 702 -23.78 -5.42 6.94
CA GLY A 702 -22.83 -4.34 6.68
C GLY A 702 -23.15 -3.02 7.35
N ALA A 703 -24.42 -2.63 7.34
CA ALA A 703 -24.79 -1.35 7.95
C ALA A 703 -24.51 -1.32 9.46
N GLN A 704 -24.38 -2.49 10.08
CA GLN A 704 -24.18 -2.55 11.52
C GLN A 704 -22.73 -2.75 11.94
N GLN A 705 -21.83 -2.88 10.97
CA GLN A 705 -20.41 -3.02 11.29
C GLN A 705 -19.82 -1.63 11.58
N PRO A 706 -18.94 -1.54 12.58
CA PRO A 706 -18.39 -0.23 12.97
C PRO A 706 -17.66 0.37 11.78
N ASN A 707 -18.13 1.53 11.31
CA ASN A 707 -17.53 2.23 10.17
C ASN A 707 -17.43 1.32 8.94
N GLY A 708 -18.29 0.31 8.89
CA GLY A 708 -18.31 -0.62 7.78
C GLY A 708 -17.10 -1.54 7.68
N TYR A 709 -16.31 -1.66 8.74
CA TYR A 709 -15.13 -2.52 8.67
C TYR A 709 -15.47 -4.01 8.50
N THR A 710 -14.62 -4.69 7.74
CA THR A 710 -14.87 -6.08 7.37
C THR A 710 -14.20 -7.08 8.31
N GLU A 711 -13.19 -6.64 9.08
CA GLU A 711 -12.45 -7.57 9.92
C GLU A 711 -13.27 -8.34 10.96
N PRO A 712 -14.19 -7.66 11.67
CA PRO A 712 -14.88 -8.44 12.71
C PRO A 712 -15.56 -9.70 12.16
N ILE A 713 -16.25 -9.57 11.03
CA ILE A 713 -16.85 -10.73 10.38
C ILE A 713 -15.80 -11.67 9.79
N LEU A 714 -14.83 -11.14 9.05
CA LEU A 714 -13.81 -11.98 8.47
C LEU A 714 -13.06 -12.79 9.53
N HIS A 715 -12.69 -12.14 10.63
CA HIS A 715 -11.88 -12.83 11.66
C HIS A 715 -12.69 -13.91 12.34
N ARG A 716 -13.95 -13.60 12.63
CA ARG A 716 -14.85 -14.56 13.26
C ARG A 716 -15.03 -15.80 12.35
N ARG A 717 -15.37 -15.55 11.09
CA ARG A 717 -15.59 -16.63 10.12
C ARG A 717 -14.34 -17.49 9.83
N ARG A 718 -13.19 -16.85 9.66
CA ARG A 718 -11.92 -17.59 9.53
C ARG A 718 -11.64 -18.47 10.75
N ARG A 719 -11.84 -17.93 11.95
CA ARG A 719 -11.63 -18.69 13.17
CA ARG A 719 -11.63 -18.70 13.17
C ARG A 719 -12.61 -19.87 13.25
N GLU A 720 -13.84 -19.62 12.81
CA GLU A 720 -14.85 -20.67 12.76
C GLU A 720 -14.42 -21.76 11.77
N PHE A 721 -13.94 -21.37 10.60
CA PHE A 721 -13.47 -22.34 9.63
C PHE A 721 -12.32 -23.19 10.19
N LYS A 722 -11.34 -22.54 10.82
CA LYS A 722 -10.21 -23.29 11.37
C LYS A 722 -10.67 -24.31 12.43
N ALA A 723 -11.64 -23.91 13.23
CA ALA A 723 -12.15 -24.79 14.29
C ALA A 723 -12.80 -26.05 13.70
N ARG A 724 -13.61 -25.89 12.66
CA ARG A 724 -14.22 -27.04 12.01
C ARG A 724 -13.14 -27.94 11.41
N ALA A 725 -12.14 -27.33 10.81
CA ALA A 725 -11.07 -28.10 10.17
C ALA A 725 -10.32 -28.95 11.20
N ALA A 726 -10.16 -28.43 12.41
CA ALA A 726 -9.41 -29.12 13.46
C ALA A 726 -10.21 -30.26 14.09
N GLU A 727 -11.53 -30.12 14.10
CA GLU A 727 -12.40 -31.16 14.63
C GLU A 727 -12.66 -32.22 13.57
#